data_7JHQ
#
_entry.id   7JHQ
#
_cell.length_a   120.680
_cell.length_b   120.680
_cell.length_c   159.769
_cell.angle_alpha   90.000
_cell.angle_beta   90.000
_cell.angle_gamma   120.000
#
_symmetry.space_group_name_H-M   'P 65'
#
loop_
_entity.id
_entity.type
_entity.pdbx_description
1 polymer 'Beta-lactamase OXA-48'
2 non-polymer "[1,1'-biphenyl]-3,4'-dicarboxylic acid"
3 non-polymer 'SODIUM ION'
4 non-polymer 1,2-ETHANEDIOL
5 non-polymer DI(HYDROXYETHYL)ETHER
6 non-polymer 'CHLORIDE ION'
7 water water
#
_entity_poly.entity_id   1
_entity_poly.type   'polypeptide(L)'
_entity_poly.pdbx_seq_one_letter_code
;GHMWQENKSWNAHFTEHKSQGVVVLWNENKQQGFTNNLKRANQAFLPASTF(KCX)IPNSLIALDLGVVKDEHQVFKWDG
QTRDIATWNRDHNLITAMKYSVVPVYQEFARQIGEARMSKMLHAFDYGNEDISGNVDSFWLDGGIRISATEQISFLRKLY
HNKLHVSERSQRIVKQAMLTEANGDYIIRAKTGYSTRIEPKIGWWVGWVELDDNVWFFAMNMDMPTSDGLGLRQAITKEV
LKQEKIIP
;
_entity_poly.pdbx_strand_id   A,B,C,D
#
loop_
_chem_comp.id
_chem_comp.type
_chem_comp.name
_chem_comp.formula
CL non-polymer 'CHLORIDE ION' 'Cl -1'
EDO non-polymer 1,2-ETHANEDIOL 'C2 H6 O2'
NA non-polymer 'SODIUM ION' 'Na 1'
PEG non-polymer DI(HYDROXYETHYL)ETHER 'C4 H10 O3'
VAJ non-polymer '[1,1'-biphenyl]-3,4'-dicarboxylic acid' 'C14 H10 O4'
#
# COMPACT_ATOMS: atom_id res chain seq x y z
N TRP A 4 17.64 13.87 25.40
CA TRP A 4 17.22 14.07 24.02
C TRP A 4 16.90 15.54 23.76
N GLN A 5 17.52 16.11 22.73
CA GLN A 5 17.31 17.49 22.35
C GLN A 5 17.00 17.56 20.86
N GLU A 6 16.06 18.42 20.49
CA GLU A 6 15.68 18.62 19.10
C GLU A 6 16.38 19.84 18.53
N ASN A 7 16.99 19.68 17.36
CA ASN A 7 17.65 20.77 16.64
C ASN A 7 17.06 20.77 15.23
N LYS A 8 16.08 21.63 14.99
CA LYS A 8 15.43 21.70 13.69
C LYS A 8 16.25 22.46 12.66
N SER A 9 17.38 23.07 13.04
CA SER A 9 18.23 23.71 12.05
C SER A 9 18.81 22.72 11.05
N TRP A 10 18.91 21.44 11.43
CA TRP A 10 19.37 20.42 10.49
C TRP A 10 18.42 20.24 9.32
N ASN A 11 17.15 20.67 9.45
CA ASN A 11 16.21 20.55 8.35
C ASN A 11 16.66 21.33 7.13
N ALA A 12 17.49 22.36 7.31
CA ALA A 12 18.04 23.08 6.17
C ALA A 12 18.84 22.16 5.25
N HIS A 13 19.50 21.15 5.82
CA HIS A 13 20.26 20.21 4.99
C HIS A 13 19.35 19.29 4.19
N PHE A 14 18.18 18.95 4.75
CA PHE A 14 17.20 18.19 3.99
C PHE A 14 16.49 19.07 2.97
N THR A 15 16.12 20.28 3.38
CA THR A 15 15.38 21.19 2.51
C THR A 15 16.21 21.60 1.30
N GLU A 16 17.52 21.79 1.48
CA GLU A 16 18.36 22.24 0.38
C GLU A 16 18.36 21.23 -0.76
N HIS A 17 18.23 19.94 -0.46
CA HIS A 17 18.11 18.90 -1.46
C HIS A 17 16.66 18.55 -1.74
N LYS A 18 15.72 19.42 -1.34
CA LYS A 18 14.30 19.16 -1.53
C LYS A 18 13.90 17.79 -0.98
N SER A 19 14.52 17.42 0.13
CA SER A 19 14.37 16.11 0.74
C SER A 19 13.71 16.25 2.11
N GLN A 20 13.33 15.11 2.67
CA GLN A 20 12.72 15.06 3.99
C GLN A 20 13.21 13.82 4.70
N GLY A 21 13.54 13.96 5.98
CA GLY A 21 14.00 12.81 6.73
C GLY A 21 14.41 13.21 8.12
N VAL A 22 15.09 12.28 8.79
CA VAL A 22 15.51 12.49 10.17
C VAL A 22 16.96 12.04 10.30
N VAL A 23 17.74 12.78 11.07
CA VAL A 23 19.05 12.36 11.50
C VAL A 23 19.03 12.34 13.02
N VAL A 24 19.46 11.23 13.61
CA VAL A 24 19.55 11.07 15.05
C VAL A 24 21.00 10.83 15.41
N LEU A 25 21.53 11.66 16.30
CA LEU A 25 22.89 11.52 16.80
C LEU A 25 22.85 11.18 18.28
N TRP A 26 23.79 10.33 18.71
CA TRP A 26 23.97 10.02 20.12
C TRP A 26 25.42 10.27 20.50
N ASN A 27 25.63 11.21 21.41
CA ASN A 27 26.96 11.48 21.95
C ASN A 27 27.20 10.48 23.08
N GLU A 28 28.08 9.51 22.84
CA GLU A 28 28.29 8.46 23.82
C GLU A 28 28.88 9.00 25.12
N ASN A 29 29.90 9.86 25.01
CA ASN A 29 30.55 10.40 26.21
C ASN A 29 29.57 11.19 27.06
N LYS A 30 28.78 12.06 26.43
CA LYS A 30 27.85 12.90 27.16
C LYS A 30 26.52 12.23 27.43
N GLN A 31 26.30 11.03 26.88
CA GLN A 31 25.03 10.32 27.00
C GLN A 31 23.87 11.23 26.61
N GLN A 32 24.02 11.87 25.43
CA GLN A 32 23.13 12.91 24.97
C GLN A 32 22.73 12.63 23.53
N GLY A 33 21.43 12.75 23.24
CA GLY A 33 20.90 12.49 21.93
C GLY A 33 20.39 13.76 21.27
N PHE A 34 20.50 13.80 19.94
CA PHE A 34 20.08 14.97 19.18
C PHE A 34 19.39 14.50 17.90
N THR A 35 18.40 15.25 17.46
CA THR A 35 17.69 14.94 16.22
C THR A 35 16.95 16.17 15.74
N ASN A 36 16.70 16.21 14.43
CA ASN A 36 15.91 17.28 13.82
C ASN A 36 14.41 17.02 13.86
N ASN A 37 14.00 15.82 14.25
CA ASN A 37 12.58 15.45 14.23
C ASN A 37 12.39 14.32 15.24
N LEU A 38 11.96 14.68 16.45
CA LEU A 38 11.85 13.68 17.51
C LEU A 38 10.82 12.62 17.17
N LYS A 39 9.72 13.01 16.52
CA LYS A 39 8.67 12.04 16.20
C LYS A 39 9.15 11.03 15.16
N ARG A 40 9.70 11.51 14.05
CA ARG A 40 10.21 10.59 13.04
C ARG A 40 11.37 9.76 13.58
N ALA A 41 12.12 10.32 14.54
CA ALA A 41 13.21 9.56 15.16
C ALA A 41 12.70 8.26 15.80
N ASN A 42 11.45 8.27 16.27
CA ASN A 42 10.86 7.11 16.93
C ASN A 42 9.80 6.43 16.08
N GLN A 43 9.73 6.75 14.79
CA GLN A 43 8.84 6.06 13.86
C GLN A 43 9.58 4.86 13.29
N ALA A 44 8.92 3.71 13.30
CA ALA A 44 9.55 2.45 12.93
C ALA A 44 9.31 2.16 11.45
N PHE A 45 10.38 1.96 10.70
CA PHE A 45 10.33 1.62 9.28
C PHE A 45 10.92 0.24 9.07
N LEU A 46 10.68 -0.31 7.88
CA LEU A 46 11.42 -1.50 7.48
C LEU A 46 12.91 -1.18 7.52
N PRO A 47 13.73 -2.04 8.13
CA PRO A 47 15.17 -1.76 8.19
C PRO A 47 15.85 -1.88 6.84
N ALA A 48 15.23 -2.58 5.88
CA ALA A 48 15.87 -2.90 4.61
C ALA A 48 17.28 -3.41 4.85
N SER A 49 18.25 -2.95 4.07
CA SER A 49 19.59 -3.55 4.14
C SER A 49 20.38 -3.16 5.37
N THR A 50 19.87 -2.25 6.23
CA THR A 50 20.53 -2.12 7.53
C THR A 50 20.35 -3.37 8.36
N PHE A 51 19.41 -4.24 7.99
CA PHE A 51 19.22 -5.50 8.67
C PHE A 51 20.41 -6.43 8.42
N KCX A 52 21.28 -6.07 7.49
CA KCX A 52 22.46 -6.89 7.25
CB KCX A 52 23.19 -6.44 5.98
CG KCX A 52 22.47 -6.87 4.70
CD KCX A 52 23.24 -6.56 3.43
CE KCX A 52 22.47 -7.05 2.19
NZ KCX A 52 21.13 -6.40 2.08
C KCX A 52 23.40 -6.88 8.45
O KCX A 52 24.25 -7.76 8.58
CX KCX A 52 20.02 -7.02 2.47
OQ1 KCX A 52 18.92 -6.45 2.38
OQ2 KCX A 52 20.08 -8.18 2.94
N ILE A 53 23.23 -5.91 9.35
CA ILE A 53 24.03 -5.89 10.57
C ILE A 53 23.60 -7.06 11.47
N PRO A 54 22.33 -7.10 11.94
CA PRO A 54 21.94 -8.26 12.75
C PRO A 54 21.99 -9.57 11.99
N ASN A 55 21.63 -9.57 10.69
CA ASN A 55 21.71 -10.79 9.90
C ASN A 55 23.13 -11.34 9.88
N SER A 56 24.12 -10.47 9.71
CA SER A 56 25.51 -10.91 9.76
C SER A 56 25.85 -11.51 11.12
N LEU A 57 25.46 -10.84 12.20
CA LEU A 57 25.78 -11.33 13.55
C LEU A 57 25.19 -12.71 13.79
N ILE A 58 23.96 -12.92 13.35
CA ILE A 58 23.29 -14.21 13.58
C ILE A 58 23.93 -15.30 12.74
N ALA A 59 24.21 -15.00 11.46
CA ALA A 59 24.87 -15.97 10.60
C ALA A 59 26.23 -16.37 11.16
N LEU A 60 26.96 -15.42 11.72
CA LEU A 60 28.28 -15.73 12.27
C LEU A 60 28.17 -16.53 13.55
N ASP A 61 27.27 -16.11 14.46
CA ASP A 61 27.14 -16.79 15.74
C ASP A 61 26.63 -18.22 15.57
N LEU A 62 25.81 -18.46 14.55
CA LEU A 62 25.26 -19.79 14.29
C LEU A 62 26.17 -20.63 13.42
N GLY A 63 27.29 -20.09 12.95
CA GLY A 63 28.18 -20.84 12.10
C GLY A 63 27.76 -20.93 10.65
N VAL A 64 26.67 -20.27 10.26
CA VAL A 64 26.29 -20.21 8.85
C VAL A 64 27.41 -19.58 8.04
N VAL A 65 28.04 -18.54 8.58
CA VAL A 65 29.23 -17.94 8.02
C VAL A 65 30.37 -18.19 8.99
N LYS A 66 31.44 -18.83 8.49
CA LYS A 66 32.55 -19.19 9.36
C LYS A 66 33.39 -17.99 9.76
N ASP A 67 33.69 -17.11 8.81
CA ASP A 67 34.44 -15.90 9.09
C ASP A 67 34.23 -14.93 7.93
N GLU A 68 34.92 -13.79 8.00
CA GLU A 68 34.78 -12.74 6.99
C GLU A 68 35.48 -13.08 5.69
N HIS A 69 36.16 -14.22 5.61
CA HIS A 69 36.83 -14.64 4.39
C HIS A 69 36.05 -15.66 3.58
N GLN A 70 35.06 -16.31 4.18
CA GLN A 70 34.31 -17.35 3.48
C GLN A 70 33.66 -16.78 2.23
N VAL A 71 33.89 -17.44 1.10
CA VAL A 71 33.42 -16.95 -0.19
C VAL A 71 32.05 -17.54 -0.49
N PHE A 72 31.09 -16.67 -0.80
CA PHE A 72 29.76 -17.08 -1.23
C PHE A 72 29.70 -16.86 -2.73
N LYS A 73 29.77 -17.95 -3.48
CA LYS A 73 29.94 -17.84 -4.92
C LYS A 73 28.65 -17.34 -5.58
N TRP A 74 28.83 -16.48 -6.57
CA TRP A 74 27.72 -15.99 -7.39
C TRP A 74 26.92 -17.17 -7.93
N ASP A 75 25.60 -17.09 -7.85
CA ASP A 75 24.75 -18.17 -8.33
C ASP A 75 24.58 -18.17 -9.84
N GLY A 76 25.25 -17.26 -10.56
CA GLY A 76 25.21 -17.24 -12.00
C GLY A 76 24.07 -16.46 -12.61
N GLN A 77 23.12 -15.99 -11.80
CA GLN A 77 22.01 -15.19 -12.29
C GLN A 77 22.42 -13.73 -12.34
N THR A 78 22.42 -13.17 -13.54
CA THR A 78 22.85 -11.78 -13.73
C THR A 78 21.74 -10.85 -13.25
N ARG A 79 22.00 -10.12 -12.18
CA ARG A 79 21.03 -9.22 -11.59
C ARG A 79 21.32 -7.78 -11.99
N ASP A 80 20.42 -6.88 -11.58
CA ASP A 80 20.48 -5.50 -12.04
C ASP A 80 21.62 -4.70 -11.42
N ILE A 81 22.13 -5.13 -10.26
CA ILE A 81 23.27 -4.47 -9.64
C ILE A 81 24.54 -5.20 -10.09
N ALA A 82 25.39 -4.49 -10.83
CA ALA A 82 26.59 -5.13 -11.40
C ALA A 82 27.46 -5.74 -10.32
N THR A 83 27.66 -5.03 -9.20
CA THR A 83 28.51 -5.55 -8.14
C THR A 83 27.94 -6.80 -7.48
N TRP A 84 26.67 -7.13 -7.71
CA TRP A 84 26.10 -8.35 -7.16
C TRP A 84 26.50 -9.59 -7.95
N ASN A 85 26.89 -9.42 -9.22
CA ASN A 85 27.13 -10.55 -10.11
C ASN A 85 28.58 -11.01 -10.04
N ARG A 86 28.97 -11.42 -8.84
CA ARG A 86 30.33 -11.89 -8.58
C ARG A 86 30.35 -12.59 -7.24
N ASP A 87 31.44 -13.31 -6.98
CA ASP A 87 31.63 -13.91 -5.68
C ASP A 87 31.78 -12.85 -4.61
N HIS A 88 31.33 -13.16 -3.40
CA HIS A 88 31.40 -12.22 -2.30
C HIS A 88 31.80 -12.93 -1.02
N ASN A 89 32.40 -12.18 -0.11
CA ASN A 89 32.54 -12.57 1.27
C ASN A 89 31.64 -11.66 2.12
N LEU A 90 31.71 -11.83 3.43
CA LEU A 90 30.89 -11.02 4.32
C LEU A 90 31.21 -9.53 4.17
N ILE A 91 32.48 -9.20 3.99
CA ILE A 91 32.87 -7.79 3.87
C ILE A 91 32.25 -7.17 2.62
N THR A 92 32.48 -7.77 1.46
CA THR A 92 31.98 -7.19 0.22
C THR A 92 30.47 -7.33 0.10
N ALA A 93 29.90 -8.40 0.63
CA ALA A 93 28.44 -8.55 0.60
C ALA A 93 27.76 -7.44 1.39
N MET A 94 28.33 -7.09 2.55
CA MET A 94 27.78 -5.96 3.30
C MET A 94 28.01 -4.64 2.56
N LYS A 95 29.24 -4.45 2.05
CA LYS A 95 29.60 -3.19 1.40
C LYS A 95 28.71 -2.89 0.20
N TYR A 96 28.41 -3.91 -0.62
CA TYR A 96 27.59 -3.71 -1.80
C TYR A 96 26.14 -4.11 -1.57
N SER A 97 25.75 -4.33 -0.32
CA SER A 97 24.37 -4.72 0.03
C SER A 97 23.87 -5.84 -0.86
N VAL A 98 24.64 -6.93 -0.92
CA VAL A 98 24.30 -8.03 -1.80
C VAL A 98 23.15 -8.83 -1.18
N VAL A 99 21.92 -8.38 -1.45
CA VAL A 99 20.73 -9.05 -0.91
C VAL A 99 20.75 -10.56 -1.15
N PRO A 100 21.04 -11.07 -2.35
CA PRO A 100 20.96 -12.52 -2.55
C PRO A 100 21.84 -13.32 -1.61
N VAL A 101 23.01 -12.80 -1.24
CA VAL A 101 23.87 -13.50 -0.31
C VAL A 101 23.22 -13.57 1.06
N TYR A 102 22.61 -12.47 1.51
CA TYR A 102 22.00 -12.45 2.82
C TYR A 102 20.66 -13.18 2.86
N GLN A 103 19.97 -13.26 1.71
CA GLN A 103 18.78 -14.11 1.66
C GLN A 103 19.14 -15.56 1.88
N GLU A 104 20.30 -15.99 1.37
CA GLU A 104 20.77 -17.34 1.64
C GLU A 104 21.06 -17.54 3.12
N PHE A 105 21.72 -16.55 3.76
CA PHE A 105 21.93 -16.60 5.21
C PHE A 105 20.60 -16.79 5.94
N ALA A 106 19.62 -15.94 5.62
CA ALA A 106 18.34 -15.99 6.31
C ALA A 106 17.66 -17.33 6.13
N ARG A 107 17.75 -17.91 4.94
CA ARG A 107 17.19 -19.25 4.73
C ARG A 107 17.89 -20.27 5.61
N GLN A 108 19.21 -20.15 5.78
CA GLN A 108 19.93 -21.10 6.63
C GLN A 108 19.61 -20.89 8.09
N ILE A 109 19.54 -19.63 8.53
CA ILE A 109 19.18 -19.36 9.92
C ILE A 109 17.82 -19.96 10.24
N GLY A 110 16.85 -19.75 9.36
CA GLY A 110 15.51 -20.24 9.58
C GLY A 110 14.70 -19.34 10.50
N GLU A 111 13.37 -19.47 10.38
CA GLU A 111 12.48 -18.58 11.10
C GLU A 111 12.64 -18.70 12.61
N ALA A 112 12.76 -19.93 13.11
CA ALA A 112 12.81 -20.14 14.57
C ALA A 112 14.02 -19.45 15.18
N ARG A 113 15.21 -19.69 14.62
CA ARG A 113 16.41 -19.09 15.18
C ARG A 113 16.48 -17.60 14.91
N MET A 114 15.98 -17.15 13.76
CA MET A 114 15.97 -15.71 13.48
C MET A 114 15.10 -14.97 14.48
N SER A 115 13.90 -15.50 14.77
CA SER A 115 13.00 -14.86 15.71
C SER A 115 13.60 -14.80 17.11
N LYS A 116 14.16 -15.92 17.57
CA LYS A 116 14.76 -15.96 18.90
C LYS A 116 15.92 -14.99 19.02
N MET A 117 16.73 -14.87 17.96
CA MET A 117 17.88 -13.99 18.00
C MET A 117 17.46 -12.52 18.01
N LEU A 118 16.44 -12.17 17.21
CA LEU A 118 15.97 -10.79 17.21
C LEU A 118 15.31 -10.43 18.53
N HIS A 119 14.61 -11.38 19.14
CA HIS A 119 14.11 -11.17 20.51
C HIS A 119 15.28 -10.97 21.47
N ALA A 120 16.32 -11.79 21.36
CA ALA A 120 17.49 -11.63 22.22
C ALA A 120 18.19 -10.31 21.96
N PHE A 121 18.21 -9.87 20.70
CA PHE A 121 18.79 -8.59 20.33
C PHE A 121 17.96 -7.39 20.78
N ASP A 122 16.70 -7.60 21.15
CA ASP A 122 15.76 -6.51 21.40
C ASP A 122 15.65 -5.60 20.17
N TYR A 123 15.72 -6.22 18.99
CA TYR A 123 15.86 -5.49 17.73
C TYR A 123 14.50 -5.08 17.20
N GLY A 124 14.25 -3.77 17.14
CA GLY A 124 13.02 -3.26 16.56
C GLY A 124 11.81 -3.85 17.24
N ASN A 125 10.78 -4.15 16.44
CA ASN A 125 9.61 -4.81 17.00
C ASN A 125 9.78 -6.32 17.10
N GLU A 126 10.96 -6.84 16.77
CA GLU A 126 11.31 -8.25 16.95
C GLU A 126 10.43 -9.20 16.15
N ASP A 127 9.74 -8.69 15.14
CA ASP A 127 8.73 -9.44 14.40
C ASP A 127 9.27 -9.84 13.04
N ILE A 128 9.33 -11.13 12.76
CA ILE A 128 9.88 -11.62 11.49
C ILE A 128 8.77 -12.07 10.54
N SER A 129 7.53 -11.64 10.78
CA SER A 129 6.41 -12.07 9.93
C SER A 129 6.67 -11.71 8.48
N GLY A 130 6.24 -12.57 7.58
CA GLY A 130 6.57 -12.47 6.18
C GLY A 130 7.46 -13.62 5.74
N ASN A 131 8.21 -13.38 4.68
CA ASN A 131 9.07 -14.41 4.11
C ASN A 131 10.38 -14.47 4.86
N VAL A 132 10.86 -15.71 5.09
CA VAL A 132 12.07 -15.91 5.88
C VAL A 132 13.26 -15.17 5.28
N ASP A 133 13.30 -15.04 3.95
CA ASP A 133 14.44 -14.44 3.28
C ASP A 133 14.14 -13.06 2.71
N SER A 134 13.05 -12.42 3.15
CA SER A 134 12.77 -11.07 2.69
C SER A 134 12.00 -10.23 3.71
N PHE A 135 11.84 -10.68 4.95
CA PHE A 135 10.98 -9.97 5.89
C PHE A 135 11.51 -8.59 6.23
N TRP A 136 12.83 -8.40 6.16
CA TRP A 136 13.41 -7.10 6.41
C TRP A 136 13.23 -6.13 5.24
N LEU A 137 12.78 -6.63 4.08
CA LEU A 137 12.50 -5.79 2.94
C LEU A 137 11.01 -5.59 2.68
N ASP A 138 10.18 -6.58 3.01
CA ASP A 138 8.74 -6.42 2.76
C ASP A 138 7.88 -7.20 3.75
N GLY A 139 8.40 -7.55 4.92
CA GLY A 139 7.67 -8.27 5.94
C GLY A 139 7.24 -7.36 7.08
N GLY A 140 7.14 -7.94 8.27
CA GLY A 140 6.58 -7.23 9.41
C GLY A 140 7.58 -6.56 10.33
N ILE A 141 8.88 -6.70 10.10
CA ILE A 141 9.85 -6.12 11.01
C ILE A 141 9.90 -4.61 10.80
N ARG A 142 10.02 -3.88 11.91
CA ARG A 142 10.07 -2.42 11.90
C ARG A 142 11.07 -1.99 12.95
N ILE A 143 11.82 -0.92 12.64
CA ILE A 143 12.76 -0.38 13.61
C ILE A 143 12.82 1.12 13.43
N SER A 144 12.91 1.84 14.54
CA SER A 144 13.06 3.29 14.52
C SER A 144 14.53 3.66 14.45
N ALA A 145 14.78 4.92 14.09
CA ALA A 145 16.15 5.43 14.10
C ALA A 145 16.75 5.37 15.51
N THR A 146 15.96 5.69 16.53
CA THR A 146 16.49 5.59 17.89
C THR A 146 16.68 4.14 18.31
N GLU A 147 15.81 3.23 17.87
CA GLU A 147 16.02 1.81 18.14
C GLU A 147 17.25 1.27 17.42
N GLN A 148 17.58 1.82 16.25
CA GLN A 148 18.82 1.44 15.58
C GLN A 148 20.02 1.82 16.45
N ILE A 149 20.02 3.06 16.94
CA ILE A 149 21.10 3.51 17.82
C ILE A 149 21.17 2.65 19.08
N SER A 150 20.02 2.35 19.67
CA SER A 150 20.05 1.48 20.84
C SER A 150 20.68 0.14 20.50
N PHE A 151 20.35 -0.42 19.33
CA PHE A 151 20.97 -1.67 18.90
C PHE A 151 22.46 -1.49 18.63
N LEU A 152 22.83 -0.40 17.95
CA LEU A 152 24.22 -0.17 17.58
C LEU A 152 25.10 0.05 18.81
N ARG A 153 24.56 0.72 19.84
CA ARG A 153 25.32 0.91 21.07
C ARG A 153 25.66 -0.43 21.71
N LYS A 154 24.72 -1.37 21.73
CA LYS A 154 25.00 -2.70 22.24
C LYS A 154 26.12 -3.36 21.43
N LEU A 155 26.02 -3.27 20.11
CA LEU A 155 27.05 -3.85 19.24
C LEU A 155 28.41 -3.23 19.51
N TYR A 156 28.46 -1.89 19.55
CA TYR A 156 29.72 -1.20 19.84
C TYR A 156 30.35 -1.70 21.14
N HIS A 157 29.54 -1.93 22.16
CA HIS A 157 30.06 -2.34 23.47
C HIS A 157 30.12 -3.84 23.64
N ASN A 158 29.91 -4.63 22.57
CA ASN A 158 29.99 -6.08 22.63
C ASN A 158 28.98 -6.67 23.61
N LYS A 159 27.83 -6.03 23.76
CA LYS A 159 26.82 -6.45 24.72
C LYS A 159 25.66 -7.22 24.08
N LEU A 160 25.66 -7.37 22.76
CA LEU A 160 24.66 -8.22 22.14
C LEU A 160 24.87 -9.67 22.56
N HIS A 161 23.78 -10.45 22.53
CA HIS A 161 23.81 -11.80 23.09
C HIS A 161 24.82 -12.71 22.39
N VAL A 162 25.20 -12.40 21.15
CA VAL A 162 26.12 -13.23 20.39
C VAL A 162 27.55 -13.09 20.93
N SER A 163 28.46 -13.89 20.40
CA SER A 163 29.83 -13.88 20.85
C SER A 163 30.50 -12.54 20.54
N GLU A 164 31.51 -12.20 21.33
CA GLU A 164 32.27 -10.97 21.04
C GLU A 164 32.94 -11.05 19.68
N ARG A 165 33.43 -12.23 19.32
CA ARG A 165 34.05 -12.42 18.00
C ARG A 165 33.07 -12.06 16.89
N SER A 166 31.84 -12.55 16.98
CA SER A 166 30.83 -12.22 15.97
C SER A 166 30.62 -10.72 15.89
N GLN A 167 30.60 -10.04 17.04
CA GLN A 167 30.39 -8.60 17.05
C GLN A 167 31.59 -7.85 16.49
N ARG A 168 32.80 -8.36 16.74
CA ARG A 168 33.99 -7.73 16.18
C ARG A 168 34.06 -7.92 14.67
N ILE A 169 33.70 -9.09 14.17
CA ILE A 169 33.70 -9.32 12.73
C ILE A 169 32.72 -8.38 12.04
N VAL A 170 31.53 -8.21 12.63
CA VAL A 170 30.51 -7.38 11.99
C VAL A 170 30.91 -5.91 12.05
N LYS A 171 31.49 -5.47 13.17
CA LYS A 171 31.96 -4.10 13.25
C LYS A 171 33.09 -3.86 12.24
N GLN A 172 33.93 -4.87 11.99
CA GLN A 172 34.92 -4.75 10.93
C GLN A 172 34.23 -4.61 9.57
N ALA A 173 33.22 -5.46 9.30
CA ALA A 173 32.54 -5.40 8.02
C ALA A 173 31.81 -4.08 7.83
N MET A 174 31.38 -3.44 8.92
CA MET A 174 30.70 -2.17 8.82
C MET A 174 31.63 -1.02 8.44
N LEU A 175 32.94 -1.24 8.41
CA LEU A 175 33.88 -0.20 8.06
C LEU A 175 33.51 0.40 6.71
N THR A 176 33.28 1.70 6.70
CA THR A 176 32.88 2.42 5.50
C THR A 176 33.91 3.45 5.08
N GLU A 177 34.50 4.17 6.03
CA GLU A 177 35.36 5.30 5.73
C GLU A 177 36.25 5.56 6.93
N ALA A 178 37.50 5.93 6.68
CA ALA A 178 38.43 6.21 7.76
C ALA A 178 39.54 7.11 7.25
N ASN A 179 39.97 8.03 8.11
CA ASN A 179 41.17 8.82 7.88
C ASN A 179 41.71 9.23 9.25
N GLY A 180 42.68 10.16 9.23
CA GLY A 180 43.26 10.63 10.49
C GLY A 180 42.29 11.38 11.38
N ASP A 181 41.12 11.76 10.87
CA ASP A 181 40.16 12.56 11.62
C ASP A 181 39.05 11.73 12.26
N TYR A 182 38.60 10.67 11.60
CA TYR A 182 37.46 9.92 12.09
C TYR A 182 37.40 8.56 11.42
N ILE A 183 36.61 7.67 12.01
CA ILE A 183 36.30 6.37 11.45
C ILE A 183 34.78 6.24 11.43
N ILE A 184 34.23 5.86 10.28
CA ILE A 184 32.81 5.64 10.14
C ILE A 184 32.59 4.14 9.93
N ARG A 185 31.85 3.53 10.84
CA ARG A 185 31.32 2.19 10.66
C ARG A 185 29.81 2.32 10.52
N ALA A 186 29.28 1.88 9.39
CA ALA A 186 27.88 2.16 9.10
C ALA A 186 27.36 1.14 8.10
N LYS A 187 26.06 1.21 7.86
CA LYS A 187 25.40 0.36 6.88
C LYS A 187 24.29 1.16 6.22
N THR A 188 24.29 1.20 4.89
CA THR A 188 23.20 1.83 4.16
C THR A 188 22.01 0.88 4.06
N GLY A 189 20.86 1.46 3.77
CA GLY A 189 19.67 0.68 3.50
C GLY A 189 18.77 1.45 2.56
N TYR A 190 18.07 0.70 1.71
CA TYR A 190 17.09 1.30 0.80
C TYR A 190 15.85 0.43 0.84
N SER A 191 14.79 0.94 1.47
CA SER A 191 13.52 0.24 1.56
C SER A 191 12.63 0.71 0.41
N THR A 192 12.45 -0.15 -0.60
CA THR A 192 11.69 0.20 -1.79
C THR A 192 10.40 -0.58 -1.96
N ARG A 193 10.23 -1.68 -1.24
CA ARG A 193 9.12 -2.59 -1.54
C ARG A 193 7.81 -2.14 -0.91
N ILE A 194 7.86 -1.45 0.21
CA ILE A 194 6.66 -1.01 0.92
C ILE A 194 6.80 0.48 1.19
N GLU A 195 5.73 1.24 0.92
CA GLU A 195 5.76 2.67 1.13
C GLU A 195 5.76 2.98 2.63
N PRO A 196 6.38 4.10 3.03
CA PRO A 196 7.09 5.04 2.16
C PRO A 196 8.50 4.57 1.84
N LYS A 197 8.92 4.71 0.58
CA LYS A 197 10.28 4.36 0.20
C LYS A 197 11.26 5.28 0.93
N ILE A 198 12.19 4.67 1.66
CA ILE A 198 13.14 5.43 2.47
C ILE A 198 14.53 4.87 2.29
N GLY A 199 15.52 5.76 2.39
CA GLY A 199 16.91 5.36 2.47
C GLY A 199 17.37 5.48 3.91
N TRP A 200 18.21 4.53 4.32
CA TRP A 200 18.78 4.48 5.66
C TRP A 200 20.28 4.72 5.61
N TRP A 201 20.82 5.29 6.68
CA TRP A 201 22.23 5.17 6.98
C TRP A 201 22.37 5.17 8.50
N VAL A 202 22.85 4.06 9.05
CA VAL A 202 22.98 3.89 10.48
C VAL A 202 24.40 3.42 10.79
N GLY A 203 24.92 3.87 11.91
CA GLY A 203 26.26 3.46 12.32
C GLY A 203 26.78 4.41 13.39
N TRP A 204 28.09 4.63 13.35
CA TRP A 204 28.67 5.57 14.29
C TRP A 204 29.94 6.16 13.71
N VAL A 205 30.34 7.29 14.28
CA VAL A 205 31.58 7.98 13.95
C VAL A 205 32.51 7.83 15.14
N GLU A 206 33.62 7.14 14.94
CA GLU A 206 34.63 6.98 15.98
C GLU A 206 35.58 8.16 15.93
N LEU A 207 35.66 8.92 17.02
CA LEU A 207 36.64 9.97 17.19
C LEU A 207 37.75 9.48 18.10
N ASP A 208 38.75 10.32 18.33
CA ASP A 208 39.87 9.95 19.19
C ASP A 208 39.40 9.65 20.61
N ASP A 209 38.49 10.46 21.15
CA ASP A 209 38.09 10.34 22.55
C ASP A 209 36.58 10.25 22.73
N ASN A 210 35.83 10.01 21.66
CA ASN A 210 34.38 9.89 21.78
C ASN A 210 33.89 9.10 20.58
N VAL A 211 32.64 8.65 20.68
CA VAL A 211 31.96 8.01 19.57
C VAL A 211 30.59 8.66 19.42
N TRP A 212 30.25 9.02 18.19
CA TRP A 212 28.95 9.59 17.86
C TRP A 212 28.17 8.55 17.07
N PHE A 213 27.14 7.99 17.69
CA PHE A 213 26.24 7.08 16.98
C PHE A 213 25.27 7.90 16.14
N PHE A 214 24.93 7.38 14.96
CA PHE A 214 23.96 8.06 14.12
C PHE A 214 23.02 7.04 13.49
N ALA A 215 21.81 7.50 13.23
CA ALA A 215 20.82 6.73 12.49
C ALA A 215 19.94 7.73 11.75
N MET A 216 20.01 7.70 10.42
CA MET A 216 19.22 8.60 9.60
C MET A 216 18.37 7.78 8.64
N ASN A 217 17.18 8.29 8.35
CA ASN A 217 16.39 7.83 7.23
C ASN A 217 15.75 9.02 6.58
N MET A 218 15.38 8.85 5.31
CA MET A 218 14.86 9.96 4.52
C MET A 218 14.01 9.38 3.39
N ASP A 219 12.99 10.13 3.00
CA ASP A 219 12.17 9.73 1.87
C ASP A 219 13.04 9.58 0.63
N MET A 220 12.87 8.47 -0.07
CA MET A 220 13.72 8.12 -1.21
C MET A 220 12.84 7.58 -2.32
N PRO A 221 12.21 8.46 -3.11
CA PRO A 221 11.32 7.99 -4.17
C PRO A 221 12.04 7.26 -5.29
N THR A 222 13.30 7.60 -5.56
CA THR A 222 14.09 6.88 -6.56
C THR A 222 15.50 6.67 -6.03
N SER A 223 16.21 5.74 -6.66
CA SER A 223 17.60 5.47 -6.32
C SER A 223 18.53 6.63 -6.67
N ASP A 224 18.04 7.62 -7.43
CA ASP A 224 18.89 8.71 -7.87
C ASP A 224 19.44 9.53 -6.71
N GLY A 225 18.72 9.59 -5.60
CA GLY A 225 19.14 10.40 -4.49
C GLY A 225 19.77 9.65 -3.34
N LEU A 226 20.19 8.40 -3.58
CA LEU A 226 20.73 7.58 -2.50
C LEU A 226 22.00 8.19 -1.91
N GLY A 227 22.78 8.90 -2.72
CA GLY A 227 23.95 9.59 -2.21
C GLY A 227 23.65 10.65 -1.19
N LEU A 228 22.41 11.13 -1.13
CA LEU A 228 22.04 12.13 -0.13
C LEU A 228 22.07 11.57 1.28
N ARG A 229 21.95 10.25 1.44
CA ARG A 229 22.03 9.66 2.77
C ARG A 229 23.33 10.04 3.46
N GLN A 230 24.46 9.80 2.78
CA GLN A 230 25.75 10.14 3.35
C GLN A 230 26.00 11.65 3.30
N ALA A 231 25.54 12.31 2.23
CA ALA A 231 25.80 13.73 2.08
C ALA A 231 25.11 14.55 3.16
N ILE A 232 23.81 14.31 3.38
CA ILE A 232 23.08 15.07 4.38
C ILE A 232 23.60 14.74 5.79
N THR A 233 23.89 13.46 6.05
CA THR A 233 24.43 13.09 7.35
C THR A 233 25.74 13.81 7.62
N LYS A 234 26.61 13.90 6.62
CA LYS A 234 27.90 14.56 6.83
C LYS A 234 27.74 16.05 7.05
N GLU A 235 26.77 16.68 6.38
CA GLU A 235 26.50 18.09 6.63
C GLU A 235 26.07 18.31 8.07
N VAL A 236 25.29 17.37 8.63
CA VAL A 236 24.93 17.46 10.04
C VAL A 236 26.16 17.26 10.91
N LEU A 237 26.98 16.24 10.61
CA LEU A 237 28.20 16.00 11.36
C LEU A 237 29.13 17.21 11.31
N LYS A 238 29.24 17.84 10.14
CA LYS A 238 30.06 19.04 10.03
C LYS A 238 29.49 20.18 10.85
N GLN A 239 28.16 20.35 10.81
CA GLN A 239 27.53 21.42 11.57
C GLN A 239 27.78 21.24 13.07
N GLU A 240 27.72 20.01 13.56
CA GLU A 240 27.93 19.73 14.97
C GLU A 240 29.40 19.62 15.34
N LYS A 241 30.31 19.94 14.41
CA LYS A 241 31.76 19.93 14.66
C LYS A 241 32.26 18.53 15.00
N ILE A 242 31.62 17.50 14.47
CA ILE A 242 32.05 16.13 14.70
C ILE A 242 33.13 15.72 13.70
N ILE A 243 32.95 16.06 12.44
CA ILE A 243 34.00 15.85 11.43
C ILE A 243 34.35 17.21 10.84
N PRO A 244 35.59 17.43 10.38
CA PRO A 244 35.97 18.73 9.82
C PRO A 244 35.30 19.01 8.47
N TRP B 4 13.09 8.80 29.27
CA TRP B 4 12.28 7.59 29.35
C TRP B 4 12.93 6.55 30.26
N GLN B 5 12.09 5.80 30.98
CA GLN B 5 12.56 4.76 31.88
C GLN B 5 11.54 3.63 31.92
N GLU B 6 12.02 2.40 31.96
CA GLU B 6 11.16 1.22 31.94
C GLU B 6 10.93 0.73 33.37
N ASN B 7 9.67 0.43 33.69
CA ASN B 7 9.27 -0.11 34.99
C ASN B 7 8.34 -1.28 34.70
N LYS B 8 8.91 -2.49 34.64
CA LYS B 8 8.14 -3.69 34.31
C LYS B 8 7.35 -4.23 35.49
N SER B 9 7.41 -3.59 36.66
CA SER B 9 6.53 -3.98 37.74
C SER B 9 5.07 -3.71 37.41
N TRP B 10 4.81 -2.76 36.51
CA TRP B 10 3.45 -2.48 36.10
C TRP B 10 2.82 -3.66 35.35
N ASN B 11 3.64 -4.56 34.82
CA ASN B 11 3.11 -5.72 34.11
C ASN B 11 2.21 -6.56 35.02
N ALA B 12 2.42 -6.49 36.33
CA ALA B 12 1.56 -7.22 37.26
C ALA B 12 0.11 -6.75 37.18
N HIS B 13 -0.10 -5.48 36.83
CA HIS B 13 -1.46 -4.98 36.68
C HIS B 13 -2.13 -5.55 35.43
N PHE B 14 -1.34 -5.81 34.37
CA PHE B 14 -1.87 -6.52 33.22
C PHE B 14 -1.97 -8.02 33.51
N THR B 15 -0.93 -8.59 34.14
CA THR B 15 -0.92 -10.02 34.42
C THR B 15 -2.07 -10.42 35.33
N GLU B 16 -2.39 -9.59 36.32
CA GLU B 16 -3.48 -9.91 37.24
C GLU B 16 -4.82 -10.02 36.53
N HIS B 17 -5.00 -9.29 35.41
CA HIS B 17 -6.27 -9.24 34.71
C HIS B 17 -6.25 -10.02 33.40
N LYS B 18 -5.34 -11.00 33.26
CA LYS B 18 -5.26 -11.87 32.08
C LYS B 18 -5.05 -11.07 30.80
N SER B 19 -4.44 -9.90 30.90
CA SER B 19 -4.35 -8.98 29.78
C SER B 19 -2.91 -8.62 29.49
N GLN B 20 -2.71 -7.94 28.35
CA GLN B 20 -1.40 -7.48 27.92
C GLN B 20 -1.54 -6.11 27.28
N GLY B 21 -0.56 -5.26 27.50
CA GLY B 21 -0.61 -3.92 26.95
C GLY B 21 0.52 -3.07 27.51
N VAL B 22 0.39 -1.77 27.29
CA VAL B 22 1.41 -0.82 27.73
C VAL B 22 0.72 0.38 28.39
N VAL B 23 1.35 0.91 29.42
CA VAL B 23 0.98 2.19 30.01
C VAL B 23 2.20 3.09 29.93
N VAL B 24 2.00 4.31 29.46
CA VAL B 24 3.07 5.30 29.35
C VAL B 24 2.68 6.50 30.20
N LEU B 25 3.58 6.91 31.09
CA LEU B 25 3.38 8.08 31.92
C LEU B 25 4.43 9.13 31.58
N TRP B 26 4.02 10.40 31.59
CA TRP B 26 4.95 11.50 31.38
C TRP B 26 4.81 12.50 32.53
N ASN B 27 5.87 12.64 33.31
CA ASN B 27 5.94 13.63 34.38
C ASN B 27 6.36 14.97 33.77
N GLU B 28 5.44 15.93 33.73
CA GLU B 28 5.71 17.18 33.06
C GLU B 28 6.73 18.02 33.82
N ASN B 29 6.55 18.16 35.13
CA ASN B 29 7.52 18.91 35.93
C ASN B 29 8.91 18.33 35.79
N LYS B 30 9.03 17.02 35.89
CA LYS B 30 10.31 16.35 35.85
C LYS B 30 10.81 16.13 34.42
N GLN B 31 9.95 16.31 33.43
CA GLN B 31 10.29 16.05 32.03
C GLN B 31 10.91 14.67 31.85
N GLN B 32 10.30 13.67 32.49
CA GLN B 32 10.77 12.30 32.36
C GLN B 32 9.56 11.39 32.18
N GLY B 33 9.74 10.33 31.41
CA GLY B 33 8.65 9.42 31.09
C GLY B 33 8.94 8.03 31.62
N PHE B 34 7.86 7.27 31.84
CA PHE B 34 7.95 5.93 32.39
C PHE B 34 6.98 5.03 31.64
N THR B 35 7.33 3.75 31.53
CA THR B 35 6.45 2.79 30.88
C THR B 35 6.90 1.39 31.25
N ASN B 36 5.96 0.45 31.12
CA ASN B 36 6.27 -0.95 31.38
C ASN B 36 6.84 -1.66 30.15
N ASN B 37 6.90 -0.99 29.00
CA ASN B 37 7.28 -1.64 27.75
C ASN B 37 7.59 -0.54 26.74
N LEU B 38 8.87 -0.18 26.62
CA LEU B 38 9.26 0.91 25.73
C LEU B 38 8.97 0.57 24.27
N LYS B 39 9.10 -0.69 23.88
CA LYS B 39 8.85 -1.06 22.49
C LYS B 39 7.39 -0.88 22.13
N ARG B 40 6.49 -1.46 22.92
CA ARG B 40 5.07 -1.27 22.66
C ARG B 40 4.68 0.20 22.84
N ALA B 41 5.36 0.91 23.73
CA ALA B 41 5.10 2.34 23.90
C ALA B 41 5.30 3.11 22.61
N ASN B 42 6.20 2.64 21.75
CA ASN B 42 6.47 3.28 20.47
C ASN B 42 5.87 2.52 19.30
N GLN B 43 5.03 1.51 19.57
CA GLN B 43 4.34 0.79 18.50
C GLN B 43 3.09 1.57 18.09
N ALA B 44 2.96 1.82 16.79
CA ALA B 44 1.88 2.63 16.26
C ALA B 44 0.67 1.76 15.91
N PHE B 45 -0.50 2.12 16.44
CA PHE B 45 -1.76 1.45 16.18
C PHE B 45 -2.74 2.45 15.57
N LEU B 46 -3.85 1.90 15.07
CA LEU B 46 -4.99 2.76 14.76
C LEU B 46 -5.41 3.50 16.02
N PRO B 47 -5.63 4.82 15.95
CA PRO B 47 -6.03 5.55 17.17
C PRO B 47 -7.44 5.23 17.62
N ALA B 48 -8.27 4.66 16.75
CA ALA B 48 -9.69 4.48 17.01
C ALA B 48 -10.29 5.80 17.49
N SER B 49 -11.18 5.74 18.50
CA SER B 49 -11.90 6.94 18.95
C SER B 49 -11.04 7.92 19.73
N THR B 50 -9.77 7.61 20.02
CA THR B 50 -8.90 8.67 20.52
C THR B 50 -8.65 9.72 19.46
N PHE B 51 -8.95 9.41 18.20
CA PHE B 51 -8.86 10.40 17.14
C PHE B 51 -9.90 11.49 17.31
N KCX B 52 -10.89 11.28 18.17
CA KCX B 52 -11.90 12.30 18.38
CB KCX B 52 -13.03 11.77 19.27
CG KCX B 52 -13.93 10.78 18.54
CD KCX B 52 -15.19 10.43 19.33
CE KCX B 52 -16.11 9.53 18.50
NZ KCX B 52 -15.43 8.27 18.09
C KCX B 52 -11.30 13.57 18.97
O KCX B 52 -11.89 14.64 18.87
CX KCX B 52 -14.93 8.14 16.86
OQ1 KCX B 52 -15.04 9.07 16.05
OQ2 KCX B 52 -14.35 7.09 16.53
N ILE B 53 -10.11 13.46 19.55
CA ILE B 53 -9.43 14.64 20.08
C ILE B 53 -8.95 15.54 18.91
N PRO B 54 -8.10 15.04 17.99
CA PRO B 54 -7.74 15.92 16.85
C PRO B 54 -8.93 16.22 15.95
N ASN B 55 -9.84 15.25 15.77
CA ASN B 55 -11.04 15.49 14.97
C ASN B 55 -11.84 16.67 15.53
N SER B 56 -12.01 16.71 16.85
CA SER B 56 -12.70 17.83 17.49
C SER B 56 -11.98 19.15 17.23
N LEU B 57 -10.65 19.14 17.41
CA LEU B 57 -9.86 20.35 17.21
C LEU B 57 -10.03 20.90 15.81
N ILE B 58 -9.91 20.04 14.81
CA ILE B 58 -10.02 20.49 13.42
C ILE B 58 -11.42 21.00 13.15
N ALA B 59 -12.44 20.23 13.59
CA ALA B 59 -13.83 20.64 13.33
C ALA B 59 -14.14 21.98 13.98
N LEU B 60 -13.63 22.23 15.19
CA LEU B 60 -13.87 23.51 15.84
C LEU B 60 -13.14 24.63 15.12
N ASP B 61 -11.87 24.42 14.79
CA ASP B 61 -11.09 25.48 14.17
C ASP B 61 -11.62 25.83 12.79
N LEU B 62 -12.12 24.85 12.05
CA LEU B 62 -12.70 25.08 10.73
C LEU B 62 -14.14 25.56 10.79
N GLY B 63 -14.76 25.61 11.97
CA GLY B 63 -16.14 26.01 12.07
C GLY B 63 -17.15 24.94 11.68
N VAL B 64 -16.69 23.72 11.41
CA VAL B 64 -17.62 22.61 11.23
C VAL B 64 -18.47 22.44 12.49
N VAL B 65 -17.86 22.64 13.65
CA VAL B 65 -18.55 22.71 14.94
C VAL B 65 -18.41 24.13 15.46
N LYS B 66 -19.54 24.76 15.80
CA LYS B 66 -19.52 26.15 16.23
C LYS B 66 -19.00 26.27 17.67
N ASP B 67 -19.48 25.41 18.55
CA ASP B 67 -19.00 25.38 19.94
C ASP B 67 -19.45 24.06 20.55
N GLU B 68 -19.18 23.90 21.85
CA GLU B 68 -19.51 22.67 22.57
C GLU B 68 -20.99 22.53 22.85
N HIS B 69 -21.80 23.56 22.58
CA HIS B 69 -23.24 23.50 22.82
C HIS B 69 -24.03 23.12 21.59
N GLN B 70 -23.46 23.27 20.39
CA GLN B 70 -24.18 22.98 19.16
C GLN B 70 -24.70 21.54 19.16
N VAL B 71 -25.97 21.37 18.85
CA VAL B 71 -26.62 20.07 18.88
C VAL B 71 -26.56 19.46 17.49
N PHE B 72 -26.07 18.23 17.42
CA PHE B 72 -26.07 17.46 16.18
C PHE B 72 -27.13 16.38 16.33
N LYS B 73 -28.21 16.51 15.56
CA LYS B 73 -29.35 15.63 15.71
C LYS B 73 -28.99 14.20 15.32
N TRP B 74 -29.55 13.24 16.07
CA TRP B 74 -29.53 11.85 15.66
C TRP B 74 -30.06 11.72 14.24
N ASP B 75 -29.35 10.95 13.41
CA ASP B 75 -29.77 10.78 12.02
C ASP B 75 -30.94 9.81 11.87
N GLY B 76 -31.56 9.39 12.97
CA GLY B 76 -32.72 8.53 12.91
C GLY B 76 -32.44 7.07 12.65
N GLN B 77 -31.18 6.68 12.44
CA GLN B 77 -30.85 5.29 12.20
C GLN B 77 -30.44 4.64 13.52
N THR B 78 -31.20 3.63 13.92
CA THR B 78 -30.96 2.95 15.18
C THR B 78 -29.68 2.12 15.08
N ARG B 79 -28.72 2.39 15.94
CA ARG B 79 -27.47 1.65 16.00
C ARG B 79 -27.40 0.87 17.30
N ASP B 80 -26.38 0.02 17.41
CA ASP B 80 -26.32 -0.98 18.47
C ASP B 80 -25.72 -0.47 19.77
N ILE B 81 -25.38 0.81 19.86
CA ILE B 81 -25.03 1.44 21.13
C ILE B 81 -26.13 2.46 21.43
N ALA B 82 -26.87 2.21 22.51
CA ALA B 82 -28.07 2.99 22.79
C ALA B 82 -27.76 4.48 22.94
N THR B 83 -26.63 4.81 23.55
CA THR B 83 -26.29 6.21 23.75
C THR B 83 -26.06 6.95 22.43
N TRP B 84 -25.84 6.23 21.34
CA TRP B 84 -25.66 6.86 20.04
C TRP B 84 -26.97 7.32 19.41
N ASN B 85 -28.09 6.71 19.78
CA ASN B 85 -29.38 6.97 19.14
C ASN B 85 -30.10 8.16 19.78
N ARG B 86 -29.40 9.28 19.86
CA ARG B 86 -29.95 10.49 20.46
C ARG B 86 -29.16 11.68 19.94
N ASP B 87 -29.67 12.86 20.24
CA ASP B 87 -28.96 14.08 19.88
C ASP B 87 -27.73 14.26 20.77
N HIS B 88 -26.69 14.84 20.21
CA HIS B 88 -25.44 15.01 20.93
C HIS B 88 -24.85 16.38 20.63
N ASN B 89 -24.10 16.90 21.59
CA ASN B 89 -23.19 18.00 21.36
C ASN B 89 -21.77 17.45 21.35
N LEU B 90 -20.79 18.34 21.20
CA LEU B 90 -19.40 17.90 21.18
C LEU B 90 -19.03 17.17 22.47
N ILE B 91 -19.52 17.68 23.61
CA ILE B 91 -19.18 17.10 24.91
C ILE B 91 -19.66 15.66 25.00
N THR B 92 -20.93 15.42 24.69
CA THR B 92 -21.48 14.08 24.86
C THR B 92 -21.09 13.15 23.72
N ALA B 93 -20.90 13.67 22.50
CA ALA B 93 -20.44 12.84 21.41
C ALA B 93 -19.05 12.27 21.71
N MET B 94 -18.16 13.10 22.26
CA MET B 94 -16.88 12.58 22.70
C MET B 94 -17.04 11.61 23.87
N LYS B 95 -17.87 11.98 24.85
CA LYS B 95 -18.03 11.16 26.05
C LYS B 95 -18.51 9.76 25.71
N TYR B 96 -19.48 9.63 24.81
CA TYR B 96 -20.04 8.34 24.44
C TYR B 96 -19.43 7.78 23.17
N SER B 97 -18.34 8.39 22.68
CA SER B 97 -17.63 7.93 21.48
C SER B 97 -18.60 7.72 20.32
N VAL B 98 -19.43 8.73 20.08
CA VAL B 98 -20.47 8.64 19.07
C VAL B 98 -19.84 8.79 17.69
N VAL B 99 -19.37 7.66 17.15
CA VAL B 99 -18.72 7.64 15.85
C VAL B 99 -19.53 8.36 14.75
N PRO B 100 -20.83 8.12 14.58
CA PRO B 100 -21.53 8.74 13.45
C PRO B 100 -21.48 10.26 13.47
N VAL B 101 -21.47 10.88 14.65
CA VAL B 101 -21.36 12.33 14.73
C VAL B 101 -20.00 12.78 14.21
N TYR B 102 -18.93 12.11 14.64
CA TYR B 102 -17.61 12.51 14.21
C TYR B 102 -17.33 12.13 12.76
N GLN B 103 -18.01 11.09 12.26
CA GLN B 103 -17.93 10.78 10.83
C GLN B 103 -18.49 11.92 9.99
N GLU B 104 -19.58 12.54 10.47
CA GLU B 104 -20.11 13.72 9.80
C GLU B 104 -19.14 14.89 9.88
N PHE B 105 -18.49 15.08 11.04
CA PHE B 105 -17.44 16.09 11.14
C PHE B 105 -16.37 15.86 10.08
N ALA B 106 -15.86 14.63 9.99
CA ALA B 106 -14.77 14.33 9.08
C ALA B 106 -15.17 14.58 7.64
N ARG B 107 -16.39 14.19 7.26
CA ARG B 107 -16.85 14.43 5.91
C ARG B 107 -16.89 15.92 5.59
N GLN B 108 -17.32 16.74 6.56
CA GLN B 108 -17.37 18.17 6.34
C GLN B 108 -15.98 18.80 6.37
N ILE B 109 -15.08 18.26 7.19
CA ILE B 109 -13.69 18.71 7.14
C ILE B 109 -13.10 18.44 5.76
N GLY B 110 -13.36 17.26 5.22
CA GLY B 110 -12.83 16.88 3.93
C GLY B 110 -11.40 16.39 4.02
N GLU B 111 -11.01 15.58 3.02
CA GLU B 111 -9.70 14.94 3.07
C GLU B 111 -8.57 15.96 2.98
N ALA B 112 -8.75 17.00 2.15
CA ALA B 112 -7.66 17.96 1.95
C ALA B 112 -7.30 18.66 3.24
N ARG B 113 -8.30 19.19 3.95
CA ARG B 113 -8.03 19.89 5.19
C ARG B 113 -7.67 18.93 6.32
N MET B 114 -8.23 17.72 6.31
CA MET B 114 -7.89 16.74 7.33
C MET B 114 -6.41 16.37 7.25
N SER B 115 -5.92 16.10 6.04
CA SER B 115 -4.51 15.74 5.88
C SER B 115 -3.60 16.91 6.25
N LYS B 116 -3.94 18.11 5.81
CA LYS B 116 -3.15 19.29 6.15
C LYS B 116 -3.07 19.48 7.66
N MET B 117 -4.19 19.32 8.36
CA MET B 117 -4.21 19.57 9.79
C MET B 117 -3.43 18.51 10.56
N LEU B 118 -3.52 17.25 10.14
CA LEU B 118 -2.77 16.20 10.81
C LEU B 118 -1.27 16.38 10.61
N HIS B 119 -0.86 16.86 9.43
CA HIS B 119 0.54 17.21 9.25
C HIS B 119 0.94 18.37 10.15
N ALA B 120 0.06 19.37 10.28
CA ALA B 120 0.34 20.49 11.17
C ALA B 120 0.42 20.02 12.62
N PHE B 121 -0.41 19.05 13.00
CA PHE B 121 -0.42 18.51 14.36
C PHE B 121 0.74 17.56 14.62
N ASP B 122 1.49 17.15 13.59
CA ASP B 122 2.53 16.13 13.74
C ASP B 122 1.94 14.83 14.31
N TYR B 123 0.70 14.53 13.91
CA TYR B 123 -0.10 13.49 14.54
C TYR B 123 0.22 12.14 13.90
N GLY B 124 0.89 11.26 14.66
CA GLY B 124 1.13 9.90 14.20
C GLY B 124 1.88 9.87 12.90
N ASN B 125 1.51 8.93 12.03
CA ASN B 125 2.09 8.88 10.70
C ASN B 125 1.42 9.85 9.73
N GLU B 126 0.45 10.64 10.20
CA GLU B 126 -0.18 11.73 9.46
C GLU B 126 -0.91 11.24 8.21
N ASP B 127 -1.17 9.95 8.12
CA ASP B 127 -1.73 9.34 6.92
C ASP B 127 -3.24 9.16 7.08
N ILE B 128 -4.01 9.63 6.11
CA ILE B 128 -5.46 9.51 6.18
C ILE B 128 -5.98 8.58 5.08
N SER B 129 -5.15 7.63 4.65
CA SER B 129 -5.56 6.69 3.61
C SER B 129 -6.83 5.96 4.01
N GLY B 130 -7.70 5.74 3.03
CA GLY B 130 -9.02 5.21 3.25
C GLY B 130 -10.07 6.30 3.16
N ASN B 131 -11.20 6.03 3.80
CA ASN B 131 -12.29 7.00 3.84
C ASN B 131 -11.98 8.10 4.84
N VAL B 132 -12.26 9.35 4.46
CA VAL B 132 -12.03 10.47 5.36
C VAL B 132 -12.91 10.36 6.61
N ASP B 133 -14.01 9.62 6.54
CA ASP B 133 -14.91 9.47 7.67
C ASP B 133 -14.77 8.13 8.37
N SER B 134 -13.65 7.43 8.19
CA SER B 134 -13.44 6.17 8.90
C SER B 134 -11.98 5.77 8.99
N PHE B 135 -11.06 6.63 8.52
CA PHE B 135 -9.66 6.22 8.42
C PHE B 135 -9.04 5.97 9.79
N TRP B 136 -9.55 6.61 10.83
CA TRP B 136 -9.05 6.35 12.17
C TRP B 136 -9.55 5.04 12.74
N LEU B 137 -10.48 4.37 12.05
CA LEU B 137 -11.01 3.07 12.45
C LEU B 137 -10.59 1.94 11.54
N ASP B 138 -10.45 2.19 10.23
CA ASP B 138 -10.04 1.13 9.31
C ASP B 138 -9.17 1.66 8.17
N GLY B 139 -8.54 2.83 8.34
CA GLY B 139 -7.67 3.36 7.32
C GLY B 139 -6.20 3.23 7.66
N GLY B 140 -5.38 4.16 7.18
CA GLY B 140 -3.95 4.09 7.30
C GLY B 140 -3.32 4.85 8.44
N ILE B 141 -4.08 5.65 9.21
CA ILE B 141 -3.48 6.43 10.28
C ILE B 141 -2.98 5.49 11.37
N ARG B 142 -1.79 5.78 11.89
CA ARG B 142 -1.17 4.99 12.95
C ARG B 142 -0.50 5.94 13.92
N ILE B 143 -0.65 5.66 15.21
CA ILE B 143 -0.06 6.50 16.24
C ILE B 143 0.32 5.61 17.41
N SER B 144 1.47 5.92 18.02
CA SER B 144 1.96 5.18 19.16
C SER B 144 1.58 5.90 20.45
N ALA B 145 1.74 5.18 21.57
CA ALA B 145 1.44 5.76 22.88
C ALA B 145 2.31 6.98 23.14
N THR B 146 3.60 6.92 22.78
CA THR B 146 4.47 8.08 22.99
C THR B 146 4.08 9.23 22.07
N GLU B 147 3.64 8.93 20.85
CA GLU B 147 3.15 9.98 19.97
C GLU B 147 1.86 10.57 20.48
N GLN B 148 1.02 9.78 21.14
CA GLN B 148 -0.16 10.32 21.81
C GLN B 148 0.25 11.30 22.90
N ILE B 149 1.25 10.94 23.71
CA ILE B 149 1.74 11.85 24.74
C ILE B 149 2.22 13.15 24.11
N SER B 150 3.07 13.05 23.09
CA SER B 150 3.62 14.24 22.44
C SER B 150 2.51 15.13 21.90
N PHE B 151 1.48 14.53 21.30
CA PHE B 151 0.35 15.31 20.82
C PHE B 151 -0.41 15.96 21.97
N LEU B 152 -0.68 15.19 23.03
CA LEU B 152 -1.44 15.72 24.15
C LEU B 152 -0.70 16.83 24.87
N ARG B 153 0.63 16.72 24.96
CA ARG B 153 1.43 17.77 25.58
C ARG B 153 1.29 19.09 24.83
N LYS B 154 1.31 19.03 23.50
CA LYS B 154 1.07 20.24 22.70
C LYS B 154 -0.31 20.80 23.01
N LEU B 155 -1.32 19.93 23.02
CA LEU B 155 -2.69 20.36 23.33
C LEU B 155 -2.77 20.99 24.72
N TYR B 156 -2.13 20.38 25.70
CA TYR B 156 -2.17 20.92 27.06
C TYR B 156 -1.58 22.33 27.10
N HIS B 157 -0.51 22.56 26.35
CA HIS B 157 0.18 23.84 26.35
C HIS B 157 -0.35 24.80 25.28
N ASN B 158 -1.44 24.45 24.60
CA ASN B 158 -2.02 25.27 23.53
C ASN B 158 -1.02 25.51 22.40
N LYS B 159 -0.16 24.53 22.16
CA LYS B 159 0.90 24.67 21.16
C LYS B 159 0.52 24.09 19.80
N LEU B 160 -0.62 23.42 19.69
CA LEU B 160 -1.03 22.88 18.40
C LEU B 160 -1.38 24.02 17.45
N HIS B 161 -1.29 23.74 16.15
CA HIS B 161 -1.50 24.75 15.14
C HIS B 161 -2.99 24.99 14.90
N VAL B 162 -3.73 25.27 15.97
CA VAL B 162 -5.12 25.70 15.90
C VAL B 162 -5.31 26.81 16.94
N SER B 163 -6.51 27.40 16.95
CA SER B 163 -6.76 28.49 17.88
C SER B 163 -6.62 28.01 19.31
N GLU B 164 -6.28 28.93 20.21
CA GLU B 164 -6.34 28.62 21.63
C GLU B 164 -7.75 28.21 22.04
N ARG B 165 -8.76 28.88 21.47
CA ARG B 165 -10.14 28.58 21.80
C ARG B 165 -10.47 27.13 21.48
N SER B 166 -10.15 26.66 20.27
CA SER B 166 -10.42 25.27 19.92
C SER B 166 -9.77 24.31 20.92
N GLN B 167 -8.53 24.58 21.29
CA GLN B 167 -7.83 23.68 22.21
C GLN B 167 -8.46 23.71 23.59
N ARG B 168 -8.90 24.88 24.06
CA ARG B 168 -9.58 24.95 25.35
C ARG B 168 -10.91 24.20 25.33
N ILE B 169 -11.66 24.33 24.23
CA ILE B 169 -12.94 23.62 24.14
C ILE B 169 -12.71 22.12 24.15
N VAL B 170 -11.69 21.65 23.42
CA VAL B 170 -11.46 20.21 23.34
C VAL B 170 -10.95 19.68 24.67
N LYS B 171 -10.11 20.45 25.37
CA LYS B 171 -9.66 20.03 26.68
C LYS B 171 -10.84 19.98 27.66
N GLN B 172 -11.78 20.91 27.52
CA GLN B 172 -13.00 20.84 28.32
C GLN B 172 -13.79 19.58 27.98
N ALA B 173 -13.90 19.25 26.69
CA ALA B 173 -14.67 18.08 26.27
C ALA B 173 -14.00 16.78 26.71
N MET B 174 -12.68 16.78 26.88
CA MET B 174 -11.99 15.58 27.34
C MET B 174 -12.22 15.29 28.81
N LEU B 175 -12.82 16.21 29.56
CA LEU B 175 -13.01 16.02 30.99
C LEU B 175 -13.73 14.70 31.26
N THR B 176 -13.10 13.85 32.06
CA THR B 176 -13.62 12.53 32.36
C THR B 176 -13.93 12.35 33.83
N GLU B 177 -13.07 12.86 34.71
CA GLU B 177 -13.23 12.64 36.14
C GLU B 177 -12.52 13.78 36.87
N ALA B 178 -13.07 14.16 38.01
CA ALA B 178 -12.49 15.26 38.78
C ALA B 178 -13.03 15.20 40.20
N ASN B 179 -12.12 15.38 41.16
CA ASN B 179 -12.48 15.57 42.56
C ASN B 179 -11.44 16.48 43.18
N GLY B 180 -11.40 16.54 44.51
CA GLY B 180 -10.43 17.38 45.18
C GLY B 180 -8.99 16.92 45.02
N ASP B 181 -8.78 15.68 44.57
CA ASP B 181 -7.45 15.13 44.48
C ASP B 181 -6.83 15.28 43.09
N TYR B 182 -7.64 15.17 42.03
CA TYR B 182 -7.09 15.16 40.69
C TYR B 182 -8.19 15.47 39.69
N ILE B 183 -7.75 15.84 38.48
CA ILE B 183 -8.61 15.99 37.32
C ILE B 183 -8.04 15.07 36.23
N ILE B 184 -8.92 14.32 35.58
CA ILE B 184 -8.53 13.48 34.45
C ILE B 184 -9.24 14.01 33.20
N ARG B 185 -8.45 14.41 32.22
CA ARG B 185 -8.94 14.71 30.87
C ARG B 185 -8.40 13.62 29.96
N ALA B 186 -9.30 12.89 29.30
CA ALA B 186 -8.86 11.69 28.59
C ALA B 186 -9.87 11.32 27.54
N LYS B 187 -9.47 10.36 26.70
CA LYS B 187 -10.32 9.84 25.64
C LYS B 187 -10.06 8.35 25.48
N THR B 188 -11.12 7.55 25.54
CA THR B 188 -11.00 6.12 25.30
C THR B 188 -10.94 5.82 23.82
N GLY B 189 -10.45 4.64 23.50
CA GLY B 189 -10.44 4.17 22.13
C GLY B 189 -10.65 2.68 22.11
N TYR B 190 -11.33 2.21 21.06
CA TYR B 190 -11.62 0.79 20.88
C TYR B 190 -11.50 0.51 19.38
N SER B 191 -10.40 -0.14 19.00
CA SER B 191 -10.13 -0.49 17.61
C SER B 191 -10.51 -1.93 17.38
N THR B 192 -11.53 -2.16 16.54
CA THR B 192 -12.03 -3.50 16.28
C THR B 192 -12.04 -3.90 14.82
N ARG B 193 -11.89 -2.95 13.90
CA ARG B 193 -12.07 -3.24 12.48
C ARG B 193 -10.82 -3.87 11.87
N ILE B 194 -9.64 -3.52 12.36
CA ILE B 194 -8.39 -4.07 11.86
C ILE B 194 -7.65 -4.68 13.04
N GLU B 195 -7.09 -5.87 12.83
CA GLU B 195 -6.32 -6.51 13.88
C GLU B 195 -4.99 -5.78 14.08
N PRO B 196 -4.44 -5.78 15.31
CA PRO B 196 -5.00 -6.43 16.50
C PRO B 196 -6.04 -5.57 17.20
N LYS B 197 -7.12 -6.18 17.68
CA LYS B 197 -8.12 -5.45 18.44
C LYS B 197 -7.51 -4.93 19.74
N ILE B 198 -7.58 -3.62 19.94
CA ILE B 198 -6.98 -3.00 21.11
C ILE B 198 -7.93 -1.97 21.71
N GLY B 199 -7.74 -1.70 23.00
CA GLY B 199 -8.38 -0.60 23.68
C GLY B 199 -7.34 0.48 23.97
N TRP B 200 -7.77 1.73 23.91
CA TRP B 200 -6.94 2.89 24.19
C TRP B 200 -7.50 3.64 25.39
N TRP B 201 -6.60 4.29 26.13
CA TRP B 201 -6.99 5.39 27.02
C TRP B 201 -5.82 6.37 27.07
N VAL B 202 -6.03 7.58 26.55
CA VAL B 202 -4.99 8.60 26.50
C VAL B 202 -5.51 9.86 27.15
N GLY B 203 -4.62 10.59 27.82
CA GLY B 203 -5.01 11.85 28.43
C GLY B 203 -3.96 12.31 29.41
N TRP B 204 -4.42 12.98 30.45
CA TRP B 204 -3.49 13.40 31.50
C TRP B 204 -4.24 13.57 32.81
N VAL B 205 -3.48 13.51 33.89
CA VAL B 205 -3.98 13.73 35.24
C VAL B 205 -3.43 15.08 35.71
N GLU B 206 -4.32 16.03 35.97
CA GLU B 206 -3.92 17.32 36.52
C GLU B 206 -3.91 17.25 38.04
N LEU B 207 -2.76 17.53 38.64
CA LEU B 207 -2.64 17.66 40.08
C LEU B 207 -2.51 19.14 40.44
N ASP B 208 -2.36 19.41 41.74
CA ASP B 208 -2.20 20.80 42.17
C ASP B 208 -0.95 21.43 41.58
N ASP B 209 0.16 20.71 41.58
CA ASP B 209 1.46 21.27 41.22
C ASP B 209 2.14 20.52 40.07
N ASN B 210 1.41 19.66 39.36
CA ASN B 210 2.02 18.87 38.31
C ASN B 210 0.91 18.34 37.40
N VAL B 211 1.30 17.89 36.21
CA VAL B 211 0.39 17.16 35.33
C VAL B 211 1.10 15.89 34.88
N TRP B 212 0.39 14.77 34.92
CA TRP B 212 0.90 13.48 34.50
C TRP B 212 0.18 13.10 33.22
N PHE B 213 0.88 13.15 32.09
CA PHE B 213 0.32 12.68 30.84
C PHE B 213 0.37 11.17 30.81
N PHE B 214 -0.67 10.56 30.25
CA PHE B 214 -0.68 9.11 30.13
C PHE B 214 -1.24 8.71 28.78
N ALA B 215 -0.74 7.60 28.27
CA ALA B 215 -1.30 6.97 27.08
C ALA B 215 -1.13 5.48 27.24
N MET B 216 -2.24 4.76 27.24
CA MET B 216 -2.22 3.31 27.38
C MET B 216 -2.97 2.67 26.23
N ASN B 217 -2.50 1.50 25.82
CA ASN B 217 -3.29 0.62 24.98
C ASN B 217 -3.04 -0.81 25.43
N MET B 218 -4.01 -1.68 25.14
CA MET B 218 -3.96 -3.07 25.57
C MET B 218 -4.71 -3.91 24.57
N ASP B 219 -4.34 -5.19 24.49
CA ASP B 219 -5.08 -6.11 23.64
C ASP B 219 -6.51 -6.26 24.13
N MET B 220 -7.46 -6.17 23.22
CA MET B 220 -8.89 -6.18 23.55
C MET B 220 -9.61 -7.16 22.63
N PRO B 221 -9.42 -8.47 22.85
CA PRO B 221 -10.05 -9.45 21.95
C PRO B 221 -11.57 -9.45 22.03
N THR B 222 -12.15 -9.17 23.19
CA THR B 222 -13.58 -9.06 23.37
C THR B 222 -13.91 -7.73 24.03
N SER B 223 -15.18 -7.33 23.92
CA SER B 223 -15.63 -6.09 24.54
C SER B 223 -15.74 -6.20 26.06
N ASP B 224 -15.61 -7.40 26.62
CA ASP B 224 -15.81 -7.61 28.05
C ASP B 224 -14.72 -6.99 28.90
N GLY B 225 -13.52 -6.79 28.35
CA GLY B 225 -12.42 -6.20 29.08
C GLY B 225 -12.25 -4.70 28.93
N LEU B 226 -13.23 -3.98 28.39
CA LEU B 226 -13.04 -2.57 28.09
C LEU B 226 -12.80 -1.73 29.35
N GLY B 227 -13.43 -2.11 30.47
CA GLY B 227 -13.21 -1.39 31.72
C GLY B 227 -11.80 -1.48 32.23
N LEU B 228 -11.00 -2.43 31.74
CA LEU B 228 -9.62 -2.56 32.19
C LEU B 228 -8.75 -1.42 31.69
N ARG B 229 -9.18 -0.70 30.64
CA ARG B 229 -8.42 0.45 30.18
C ARG B 229 -8.24 1.47 31.29
N GLN B 230 -9.34 1.85 31.94
CA GLN B 230 -9.25 2.77 33.07
C GLN B 230 -8.74 2.08 34.32
N ALA B 231 -9.17 0.84 34.55
CA ALA B 231 -8.82 0.15 35.79
C ALA B 231 -7.31 -0.07 35.89
N ILE B 232 -6.70 -0.60 34.83
CA ILE B 232 -5.26 -0.85 34.85
C ILE B 232 -4.48 0.45 34.93
N THR B 233 -4.88 1.45 34.15
CA THR B 233 -4.22 2.75 34.21
C THR B 233 -4.29 3.34 35.62
N LYS B 234 -5.44 3.21 36.27
CA LYS B 234 -5.58 3.77 37.62
C LYS B 234 -4.74 3.01 38.64
N GLU B 235 -4.57 1.69 38.45
CA GLU B 235 -3.69 0.94 39.34
C GLU B 235 -2.25 1.40 39.19
N VAL B 236 -1.82 1.68 37.96
CA VAL B 236 -0.48 2.24 37.75
C VAL B 236 -0.39 3.61 38.41
N LEU B 237 -1.39 4.46 38.19
CA LEU B 237 -1.41 5.78 38.81
C LEU B 237 -1.39 5.67 40.32
N LYS B 238 -2.10 4.68 40.87
CA LYS B 238 -2.11 4.48 42.32
C LYS B 238 -0.74 4.06 42.82
N GLN B 239 -0.11 3.10 42.13
CA GLN B 239 1.21 2.64 42.56
C GLN B 239 2.23 3.76 42.54
N GLU B 240 2.17 4.62 41.53
CA GLU B 240 3.08 5.75 41.43
C GLU B 240 2.68 6.92 42.33
N LYS B 241 1.67 6.73 43.18
CA LYS B 241 1.20 7.75 44.12
C LYS B 241 0.70 9.01 43.42
N ILE B 242 0.27 8.89 42.17
CA ILE B 242 -0.29 10.04 41.46
C ILE B 242 -1.71 10.32 41.92
N ILE B 243 -2.52 9.28 42.06
CA ILE B 243 -3.85 9.41 42.63
C ILE B 243 -3.92 8.52 43.86
N PRO B 244 -4.84 8.79 44.80
CA PRO B 244 -4.91 7.93 45.97
C PRO B 244 -5.58 6.59 45.66
N TRP C 4 -6.98 -5.49 -32.58
CA TRP C 4 -5.84 -5.06 -31.78
C TRP C 4 -4.56 -5.73 -32.24
N GLN C 5 -3.47 -4.97 -32.25
CA GLN C 5 -2.16 -5.46 -32.66
C GLN C 5 -1.13 -4.98 -31.66
N GLU C 6 -0.16 -5.84 -31.33
CA GLU C 6 0.91 -5.47 -30.41
C GLU C 6 2.18 -5.17 -31.20
N ASN C 7 2.71 -3.97 -31.02
CA ASN C 7 3.99 -3.54 -31.58
C ASN C 7 4.91 -3.28 -30.40
N LYS C 8 5.76 -4.26 -30.08
CA LYS C 8 6.67 -4.10 -28.95
C LYS C 8 7.90 -3.28 -29.29
N SER C 9 8.06 -2.83 -30.55
CA SER C 9 9.16 -1.94 -30.87
C SER C 9 9.03 -0.60 -30.14
N TRP C 10 7.81 -0.21 -29.78
CA TRP C 10 7.61 1.02 -29.02
C TRP C 10 8.30 0.99 -27.67
N ASN C 11 8.60 -0.21 -27.14
CA ASN C 11 9.25 -0.30 -25.84
C ASN C 11 10.61 0.38 -25.86
N ALA C 12 11.23 0.49 -27.03
CA ALA C 12 12.51 1.20 -27.15
C ALA C 12 12.37 2.65 -26.71
N HIS C 13 11.20 3.27 -26.95
CA HIS C 13 11.00 4.64 -26.51
C HIS C 13 10.88 4.74 -25.00
N PHE C 14 10.30 3.72 -24.36
CA PHE C 14 10.29 3.67 -22.89
C PHE C 14 11.65 3.29 -22.34
N THR C 15 12.31 2.32 -22.96
CA THR C 15 13.59 1.83 -22.46
C THR C 15 14.66 2.91 -22.51
N GLU C 16 14.66 3.72 -23.59
CA GLU C 16 15.67 4.75 -23.74
C GLU C 16 15.62 5.79 -22.61
N HIS C 17 14.46 5.95 -21.97
CA HIS C 17 14.31 6.86 -20.85
C HIS C 17 14.28 6.13 -19.52
N LYS C 18 14.74 4.88 -19.48
CA LYS C 18 14.73 4.05 -18.28
C LYS C 18 13.33 3.98 -17.68
N SER C 19 12.33 3.94 -18.54
CA SER C 19 10.93 4.02 -18.15
C SER C 19 10.22 2.73 -18.54
N GLN C 20 9.00 2.59 -18.00
CA GLN C 20 8.13 1.48 -18.33
C GLN C 20 6.70 1.99 -18.38
N GLY C 21 5.97 1.55 -19.40
CA GLY C 21 4.59 1.97 -19.52
C GLY C 21 3.96 1.38 -20.76
N VAL C 22 2.78 1.88 -21.08
CA VAL C 22 2.02 1.40 -22.22
C VAL C 22 1.51 2.61 -23.00
N VAL C 23 1.53 2.50 -24.32
CA VAL C 23 0.85 3.44 -25.20
C VAL C 23 -0.16 2.64 -26.00
N VAL C 24 -1.40 3.12 -26.04
CA VAL C 24 -2.46 2.50 -26.82
C VAL C 24 -2.92 3.51 -27.85
N LEU C 25 -2.95 3.10 -29.12
CA LEU C 25 -3.43 3.92 -30.22
C LEU C 25 -4.67 3.27 -30.81
N TRP C 26 -5.62 4.11 -31.22
CA TRP C 26 -6.81 3.63 -31.93
C TRP C 26 -6.96 4.41 -33.21
N ASN C 27 -6.86 3.73 -34.34
CA ASN C 27 -7.08 4.33 -35.64
C ASN C 27 -8.58 4.34 -35.92
N GLU C 28 -9.20 5.52 -35.89
CA GLU C 28 -10.64 5.58 -36.01
C GLU C 28 -11.11 5.15 -37.38
N ASN C 29 -10.45 5.62 -38.44
CA ASN C 29 -10.84 5.26 -39.80
C ASN C 29 -10.78 3.76 -40.03
N LYS C 30 -9.67 3.14 -39.62
CA LYS C 30 -9.46 1.72 -39.85
C LYS C 30 -10.06 0.85 -38.75
N GLN C 31 -10.56 1.45 -37.67
CA GLN C 31 -11.10 0.72 -36.53
C GLN C 31 -10.10 -0.34 -36.06
N GLN C 32 -8.86 0.11 -35.88
CA GLN C 32 -7.75 -0.76 -35.54
C GLN C 32 -7.00 -0.17 -34.35
N GLY C 33 -6.64 -1.03 -33.40
CA GLY C 33 -5.94 -0.61 -32.20
C GLY C 33 -4.52 -1.15 -32.18
N PHE C 34 -3.62 -0.39 -31.54
CA PHE C 34 -2.21 -0.76 -31.46
C PHE C 34 -1.70 -0.44 -30.06
N THR C 35 -0.79 -1.28 -29.56
CA THR C 35 -0.22 -1.05 -28.24
C THR C 35 1.06 -1.86 -28.12
N ASN C 36 1.97 -1.37 -27.26
CA ASN C 36 3.21 -2.08 -26.98
C ASN C 36 3.05 -3.15 -25.90
N ASN C 37 1.89 -3.22 -25.25
CA ASN C 37 1.71 -4.10 -24.10
C ASN C 37 0.19 -4.26 -23.91
N LEU C 38 -0.36 -5.34 -24.50
CA LEU C 38 -1.81 -5.51 -24.46
C LEU C 38 -2.32 -5.76 -23.05
N LYS C 39 -1.53 -6.42 -22.20
CA LYS C 39 -1.98 -6.66 -20.83
C LYS C 39 -2.08 -5.36 -20.05
N ARG C 40 -1.00 -4.57 -20.07
CA ARG C 40 -1.07 -3.27 -19.38
C ARG C 40 -2.10 -2.35 -20.02
N ALA C 41 -2.35 -2.51 -21.32
CA ALA C 41 -3.38 -1.73 -21.97
C ALA C 41 -4.74 -1.93 -21.31
N ASN C 42 -4.98 -3.10 -20.74
CA ASN C 42 -6.26 -3.42 -20.12
C ASN C 42 -6.18 -3.50 -18.60
N GLN C 43 -5.07 -3.05 -18.01
CA GLN C 43 -4.96 -2.95 -16.56
C GLN C 43 -5.52 -1.62 -16.10
N ALA C 44 -6.36 -1.65 -15.06
CA ALA C 44 -7.08 -0.47 -14.63
C ALA C 44 -6.33 0.20 -13.49
N PHE C 45 -6.01 1.49 -13.67
CA PHE C 45 -5.36 2.30 -12.65
C PHE C 45 -6.30 3.43 -12.23
N LEU C 46 -5.94 4.09 -11.15
CA LEU C 46 -6.61 5.34 -10.79
C LEU C 46 -6.48 6.30 -11.96
N PRO C 47 -7.56 6.96 -12.38
CA PRO C 47 -7.45 7.91 -13.50
C PRO C 47 -6.69 9.16 -13.14
N ALA C 48 -6.57 9.49 -11.85
CA ALA C 48 -5.99 10.75 -11.41
C ALA C 48 -6.62 11.91 -12.18
N SER C 49 -5.81 12.86 -12.64
CA SER C 49 -6.37 14.06 -13.24
C SER C 49 -6.95 13.84 -14.63
N THR C 50 -6.81 12.65 -15.23
CA THR C 50 -7.58 12.41 -16.45
C THR C 50 -9.07 12.36 -16.14
N PHE C 51 -9.43 12.19 -14.88
CA PHE C 51 -10.83 12.20 -14.47
C PHE C 51 -11.41 13.60 -14.62
N KCX C 52 -10.57 14.59 -14.88
CA KCX C 52 -11.07 15.93 -15.10
CB KCX C 52 -9.92 16.95 -15.13
CG KCX C 52 -9.39 17.26 -13.74
CD KCX C 52 -8.34 18.38 -13.72
CE KCX C 52 -7.87 18.66 -12.28
NZ KCX C 52 -7.28 17.45 -11.65
C KCX C 52 -11.90 16.01 -16.38
O KCX C 52 -12.69 16.93 -16.54
CX KCX C 52 -7.96 16.67 -10.82
OQ1 KCX C 52 -9.14 16.95 -10.53
OQ2 KCX C 52 -7.44 15.66 -10.32
N ILE C 53 -11.75 15.02 -17.25
CA ILE C 53 -12.58 14.98 -18.45
C ILE C 53 -14.03 14.65 -18.06
N PRO C 54 -14.30 13.46 -17.46
CA PRO C 54 -15.69 13.21 -17.04
C PRO C 54 -16.17 14.18 -15.97
N ASN C 55 -15.31 14.57 -15.03
CA ASN C 55 -15.71 15.54 -14.01
C ASN C 55 -16.19 16.83 -14.66
N SER C 56 -15.48 17.31 -15.68
CA SER C 56 -15.91 18.51 -16.40
C SER C 56 -17.28 18.30 -17.04
N LEU C 57 -17.46 17.17 -17.73
CA LEU C 57 -18.72 16.91 -18.42
C LEU C 57 -19.89 16.91 -17.44
N ILE C 58 -19.70 16.28 -16.27
CA ILE C 58 -20.78 16.19 -15.31
C ILE C 58 -21.10 17.56 -14.70
N ALA C 59 -20.05 18.31 -14.34
CA ALA C 59 -20.28 19.64 -13.78
C ALA C 59 -21.01 20.54 -14.78
N LEU C 60 -20.66 20.43 -16.07
CA LEU C 60 -21.31 21.24 -17.09
C LEU C 60 -22.75 20.80 -17.30
N ASP C 61 -22.97 19.49 -17.44
CA ASP C 61 -24.31 18.99 -17.71
C ASP C 61 -25.25 19.22 -16.53
N LEU C 62 -24.71 19.21 -15.32
CA LEU C 62 -25.51 19.47 -14.14
C LEU C 62 -25.67 20.95 -13.84
N GLY C 63 -24.98 21.82 -14.57
CA GLY C 63 -25.07 23.24 -14.30
C GLY C 63 -24.21 23.75 -13.17
N VAL C 64 -23.40 22.87 -12.55
CA VAL C 64 -22.44 23.32 -11.55
C VAL C 64 -21.47 24.33 -12.16
N VAL C 65 -21.06 24.08 -13.40
CA VAL C 65 -20.27 25.02 -14.19
C VAL C 65 -21.17 25.53 -15.31
N LYS C 66 -21.32 26.86 -15.40
CA LYS C 66 -22.23 27.45 -16.38
C LYS C 66 -21.65 27.34 -17.79
N ASP C 67 -20.39 27.71 -17.95
CA ASP C 67 -19.71 27.64 -19.23
C ASP C 67 -18.20 27.67 -18.97
N GLU C 68 -17.42 27.72 -20.04
CA GLU C 68 -15.97 27.70 -19.93
C GLU C 68 -15.39 29.04 -19.50
N HIS C 69 -16.23 30.08 -19.32
CA HIS C 69 -15.78 31.38 -18.87
C HIS C 69 -15.99 31.63 -17.39
N GLN C 70 -16.84 30.84 -16.74
CA GLN C 70 -17.11 31.04 -15.32
C GLN C 70 -15.84 30.97 -14.51
N VAL C 71 -15.60 31.98 -13.69
CA VAL C 71 -14.36 32.11 -12.94
C VAL C 71 -14.54 31.47 -11.57
N PHE C 72 -13.63 30.57 -11.22
CA PHE C 72 -13.60 29.95 -9.90
C PHE C 72 -12.45 30.59 -9.13
N LYS C 73 -12.81 31.47 -8.20
CA LYS C 73 -11.81 32.29 -7.54
C LYS C 73 -10.91 31.45 -6.65
N TRP C 74 -9.62 31.76 -6.69
CA TRP C 74 -8.65 31.17 -5.77
C TRP C 74 -9.12 31.35 -4.33
N ASP C 75 -9.06 30.27 -3.55
CA ASP C 75 -9.56 30.30 -2.19
C ASP C 75 -8.59 30.96 -1.21
N GLY C 76 -7.42 31.40 -1.68
CA GLY C 76 -6.47 32.08 -0.83
C GLY C 76 -5.43 31.20 -0.19
N GLN C 77 -5.57 29.88 -0.28
CA GLN C 77 -4.56 28.97 0.27
C GLN C 77 -3.44 28.81 -0.75
N THR C 78 -2.22 29.17 -0.36
CA THR C 78 -1.08 29.05 -1.25
C THR C 78 -0.62 27.61 -1.28
N ARG C 79 -0.77 26.96 -2.43
CA ARG C 79 -0.42 25.55 -2.57
C ARG C 79 0.92 25.42 -3.29
N ASP C 80 1.39 24.17 -3.40
CA ASP C 80 2.73 23.92 -3.91
C ASP C 80 2.84 24.13 -5.41
N ILE C 81 1.74 24.13 -6.14
CA ILE C 81 1.74 24.38 -7.58
C ILE C 81 1.41 25.85 -7.78
N ALA C 82 2.38 26.61 -8.30
CA ALA C 82 2.21 28.05 -8.43
C ALA C 82 1.01 28.41 -9.29
N THR C 83 0.81 27.68 -10.40
CA THR C 83 -0.31 27.98 -11.27
C THR C 83 -1.67 27.71 -10.63
N TRP C 84 -1.71 26.99 -9.50
CA TRP C 84 -2.96 26.78 -8.79
C TRP C 84 -3.39 27.99 -7.97
N ASN C 85 -2.44 28.86 -7.62
CA ASN C 85 -2.72 29.97 -6.69
C ASN C 85 -3.17 31.21 -7.47
N ARG C 86 -4.29 31.04 -8.15
CA ARG C 86 -4.89 32.12 -8.94
C ARG C 86 -6.30 31.71 -9.32
N ASP C 87 -7.07 32.69 -9.80
CA ASP C 87 -8.40 32.38 -10.32
C ASP C 87 -8.29 31.52 -11.58
N HIS C 88 -9.31 30.71 -11.80
CA HIS C 88 -9.32 29.80 -12.93
C HIS C 88 -10.71 29.71 -13.52
N ASN C 89 -10.77 29.38 -14.81
CA ASN C 89 -11.98 28.92 -15.46
C ASN C 89 -11.80 27.44 -15.80
N LEU C 90 -12.80 26.88 -16.49
CA LEU C 90 -12.72 25.47 -16.86
C LEU C 90 -11.50 25.19 -17.74
N ILE C 91 -11.17 26.11 -18.65
CA ILE C 91 -10.05 25.90 -19.57
C ILE C 91 -8.74 25.84 -18.80
N THR C 92 -8.46 26.86 -17.99
CA THR C 92 -7.18 26.89 -17.28
C THR C 92 -7.13 25.89 -16.16
N ALA C 93 -8.27 25.61 -15.50
CA ALA C 93 -8.30 24.59 -14.47
C ALA C 93 -7.94 23.23 -15.02
N MET C 94 -8.47 22.88 -16.20
CA MET C 94 -8.07 21.64 -16.84
C MET C 94 -6.62 21.70 -17.28
N LYS C 95 -6.21 22.81 -17.90
CA LYS C 95 -4.86 22.94 -18.43
C LYS C 95 -3.80 22.76 -17.35
N TYR C 96 -4.01 23.33 -16.18
CA TYR C 96 -3.03 23.26 -15.10
C TYR C 96 -3.36 22.20 -14.07
N SER C 97 -4.31 21.31 -14.38
CA SER C 97 -4.75 20.25 -13.47
C SER C 97 -5.00 20.78 -12.07
N VAL C 98 -5.86 21.81 -12.00
CA VAL C 98 -6.10 22.47 -10.72
C VAL C 98 -7.07 21.62 -9.90
N VAL C 99 -6.49 20.64 -9.19
CA VAL C 99 -7.30 19.74 -8.35
C VAL C 99 -8.27 20.48 -7.44
N PRO C 100 -7.88 21.55 -6.72
CA PRO C 100 -8.86 22.17 -5.80
C PRO C 100 -10.12 22.66 -6.47
N VAL C 101 -10.02 23.15 -7.71
CA VAL C 101 -11.22 23.57 -8.43
C VAL C 101 -12.11 22.38 -8.70
N TYR C 102 -11.54 21.26 -9.12
CA TYR C 102 -12.34 20.09 -9.45
C TYR C 102 -12.85 19.36 -8.22
N GLN C 103 -12.14 19.48 -7.09
CA GLN C 103 -12.68 18.95 -5.84
C GLN C 103 -13.95 19.68 -5.45
N GLU C 104 -14.01 20.99 -5.71
CA GLU C 104 -15.24 21.73 -5.46
C GLU C 104 -16.36 21.27 -6.38
N PHE C 105 -16.06 21.04 -7.67
CA PHE C 105 -17.04 20.47 -8.58
C PHE C 105 -17.61 19.18 -8.02
N ALA C 106 -16.72 18.26 -7.60
CA ALA C 106 -17.15 16.94 -7.14
C ALA C 106 -18.02 17.05 -5.89
N ARG C 107 -17.69 17.97 -4.98
CA ARG C 107 -18.53 18.18 -3.80
C ARG C 107 -19.92 18.65 -4.21
N GLN C 108 -19.99 19.60 -5.15
CA GLN C 108 -21.29 20.10 -5.58
C GLN C 108 -22.05 19.07 -6.39
N ILE C 109 -21.35 18.26 -7.19
CA ILE C 109 -22.02 17.17 -7.90
C ILE C 109 -22.64 16.20 -6.91
N GLY C 110 -21.87 15.78 -5.92
CA GLY C 110 -22.36 14.87 -4.91
C GLY C 110 -22.24 13.42 -5.34
N GLU C 111 -22.24 12.55 -4.32
CA GLU C 111 -22.01 11.12 -4.53
C GLU C 111 -23.05 10.51 -5.45
N ALA C 112 -24.33 10.82 -5.22
CA ALA C 112 -25.41 10.17 -5.96
C ALA C 112 -25.34 10.49 -7.44
N ARG C 113 -25.21 11.78 -7.78
CA ARG C 113 -25.18 12.16 -9.19
C ARG C 113 -23.88 11.71 -9.85
N MET C 114 -22.76 11.77 -9.13
CA MET C 114 -21.49 11.31 -9.68
C MET C 114 -21.55 9.82 -10.02
N SER C 115 -22.04 9.02 -9.08
CA SER C 115 -22.22 7.58 -9.33
C SER C 115 -23.11 7.36 -10.54
N LYS C 116 -24.26 8.02 -10.57
CA LYS C 116 -25.22 7.84 -11.67
C LYS C 116 -24.59 8.21 -13.01
N MET C 117 -23.81 9.29 -13.05
CA MET C 117 -23.25 9.74 -14.32
C MET C 117 -22.12 8.83 -14.79
N LEU C 118 -21.29 8.35 -13.88
CA LEU C 118 -20.22 7.45 -14.28
C LEU C 118 -20.76 6.13 -14.77
N HIS C 119 -21.85 5.64 -14.16
CA HIS C 119 -22.54 4.47 -14.69
C HIS C 119 -23.06 4.74 -16.09
N ALA C 120 -23.68 5.91 -16.31
CA ALA C 120 -24.18 6.26 -17.63
C ALA C 120 -23.05 6.41 -18.64
N PHE C 121 -21.88 6.87 -18.18
CA PHE C 121 -20.71 7.01 -19.05
C PHE C 121 -20.04 5.69 -19.37
N ASP C 122 -20.38 4.61 -18.65
CA ASP C 122 -19.63 3.36 -18.72
C ASP C 122 -18.14 3.60 -18.42
N TYR C 123 -17.88 4.51 -17.49
CA TYR C 123 -16.53 4.98 -17.24
C TYR C 123 -15.81 4.04 -16.29
N GLY C 124 -14.81 3.32 -16.80
CA GLY C 124 -13.99 2.46 -15.97
C GLY C 124 -14.82 1.46 -15.20
N ASN C 125 -14.43 1.21 -13.95
CA ASN C 125 -15.22 0.32 -13.11
C ASN C 125 -16.43 1.01 -12.49
N GLU C 126 -16.66 2.29 -12.82
CA GLU C 126 -17.85 3.05 -12.42
C GLU C 126 -17.99 3.16 -10.90
N ASP C 127 -16.91 2.96 -10.17
CA ASP C 127 -16.94 2.91 -8.71
C ASP C 127 -16.41 4.22 -8.15
N ILE C 128 -17.20 4.89 -7.31
CA ILE C 128 -16.78 6.15 -6.70
C ILE C 128 -16.46 5.98 -5.23
N SER C 129 -16.30 4.75 -4.75
CA SER C 129 -16.03 4.53 -3.34
C SER C 129 -14.78 5.28 -2.91
N GLY C 130 -14.81 5.79 -1.70
CA GLY C 130 -13.82 6.73 -1.22
C GLY C 130 -14.44 8.09 -0.97
N ASN C 131 -13.58 9.11 -0.98
CA ASN C 131 -14.02 10.46 -0.69
C ASN C 131 -14.63 11.10 -1.92
N VAL C 132 -15.73 11.85 -1.71
CA VAL C 132 -16.46 12.43 -2.82
C VAL C 132 -15.58 13.35 -3.65
N ASP C 133 -14.60 14.01 -3.02
CA ASP C 133 -13.77 14.98 -3.72
C ASP C 133 -12.34 14.50 -3.92
N SER C 134 -12.09 13.19 -3.82
CA SER C 134 -10.75 12.69 -4.14
C SER C 134 -10.76 11.24 -4.62
N PHE C 135 -11.91 10.65 -4.93
CA PHE C 135 -11.93 9.22 -5.23
C PHE C 135 -11.14 8.90 -6.49
N TRP C 136 -11.00 9.86 -7.40
CA TRP C 136 -10.20 9.63 -8.59
C TRP C 136 -8.70 9.75 -8.32
N LEU C 137 -8.31 10.19 -7.14
CA LEU C 137 -6.91 10.24 -6.75
C LEU C 137 -6.52 9.17 -5.74
N ASP C 138 -7.46 8.75 -4.86
CA ASP C 138 -7.11 7.73 -3.88
C ASP C 138 -8.30 6.87 -3.47
N GLY C 139 -9.37 6.83 -4.26
CA GLY C 139 -10.53 6.02 -3.98
C GLY C 139 -10.57 4.75 -4.80
N GLY C 140 -11.78 4.29 -5.10
CA GLY C 140 -11.95 2.99 -5.74
C GLY C 140 -12.07 2.98 -7.24
N ILE C 141 -12.12 4.15 -7.88
CA ILE C 141 -12.32 4.17 -9.32
C ILE C 141 -11.04 3.70 -10.02
N ARG C 142 -11.22 2.92 -11.09
CA ARG C 142 -10.12 2.39 -11.86
C ARG C 142 -10.52 2.42 -13.33
N ILE C 143 -9.57 2.69 -14.20
CA ILE C 143 -9.84 2.68 -15.64
C ILE C 143 -8.59 2.23 -16.36
N SER C 144 -8.77 1.45 -17.41
CA SER C 144 -7.67 1.00 -18.23
C SER C 144 -7.41 1.99 -19.36
N ALA C 145 -6.26 1.86 -20.00
CA ALA C 145 -5.96 2.69 -21.16
C ALA C 145 -6.95 2.43 -22.30
N THR C 146 -7.34 1.17 -22.50
CA THR C 146 -8.33 0.88 -23.54
C THR C 146 -9.71 1.42 -23.15
N GLU C 147 -10.06 1.34 -21.87
CA GLU C 147 -11.32 1.94 -21.41
C GLU C 147 -11.30 3.45 -21.55
N GLN C 148 -10.15 4.08 -21.36
CA GLN C 148 -10.04 5.51 -21.63
C GLN C 148 -10.37 5.81 -23.09
N ILE C 149 -9.81 5.02 -24.01
CA ILE C 149 -10.05 5.24 -25.44
C ILE C 149 -11.52 5.06 -25.76
N SER C 150 -12.15 4.01 -25.23
CA SER C 150 -13.57 3.78 -25.48
C SER C 150 -14.40 4.94 -24.94
N PHE C 151 -14.05 5.45 -23.77
CA PHE C 151 -14.71 6.63 -23.25
C PHE C 151 -14.45 7.84 -24.14
N LEU C 152 -13.20 8.03 -24.55
CA LEU C 152 -12.86 9.18 -25.38
C LEU C 152 -13.53 9.12 -26.75
N ARG C 153 -13.68 7.91 -27.31
CA ARG C 153 -14.36 7.79 -28.60
C ARG C 153 -15.81 8.26 -28.51
N LYS C 154 -16.49 7.93 -27.41
CA LYS C 154 -17.85 8.42 -27.21
C LYS C 154 -17.86 9.94 -27.15
N LEU C 155 -16.94 10.53 -26.37
CA LEU C 155 -16.86 11.98 -26.26
C LEU C 155 -16.63 12.62 -27.64
N TYR C 156 -15.67 12.09 -28.39
CA TYR C 156 -15.41 12.61 -29.73
C TYR C 156 -16.66 12.60 -30.59
N HIS C 157 -17.46 11.55 -30.50
CA HIS C 157 -18.65 11.42 -31.33
C HIS C 157 -19.91 11.98 -30.67
N ASN C 158 -19.78 12.67 -29.55
CA ASN C 158 -20.92 13.29 -28.86
C ASN C 158 -21.94 12.25 -28.43
N LYS C 159 -21.48 11.05 -28.09
CA LYS C 159 -22.36 9.93 -27.74
C LYS C 159 -22.54 9.75 -26.24
N LEU C 160 -21.77 10.46 -25.41
CA LEU C 160 -21.97 10.36 -23.97
C LEU C 160 -23.36 10.88 -23.60
N HIS C 161 -23.87 10.39 -22.47
CA HIS C 161 -25.25 10.67 -22.11
C HIS C 161 -25.52 12.16 -21.87
N VAL C 162 -24.48 12.96 -21.66
CA VAL C 162 -24.65 14.38 -21.39
C VAL C 162 -24.93 15.14 -22.68
N SER C 163 -25.25 16.43 -22.56
CA SER C 163 -25.60 17.24 -23.71
C SER C 163 -24.44 17.35 -24.68
N GLU C 164 -24.77 17.56 -25.96
CA GLU C 164 -23.72 17.81 -26.95
C GLU C 164 -22.92 19.05 -26.59
N ARG C 165 -23.59 20.09 -26.09
CA ARG C 165 -22.90 21.30 -25.68
C ARG C 165 -21.83 21.00 -24.62
N SER C 166 -22.19 20.20 -23.61
CA SER C 166 -21.22 19.86 -22.58
C SER C 166 -20.03 19.13 -23.16
N GLN C 167 -20.28 18.25 -24.13
CA GLN C 167 -19.19 17.50 -24.75
C GLN C 167 -18.32 18.40 -25.62
N ARG C 168 -18.93 19.39 -26.28
CA ARG C 168 -18.15 20.33 -27.08
C ARG C 168 -17.30 21.24 -26.21
N ILE C 169 -17.84 21.68 -25.08
CA ILE C 169 -17.06 22.53 -24.18
C ILE C 169 -15.86 21.78 -23.64
N VAL C 170 -16.04 20.51 -23.27
CA VAL C 170 -14.93 19.76 -22.69
C VAL C 170 -13.89 19.44 -23.75
N LYS C 171 -14.32 19.14 -24.97
CA LYS C 171 -13.37 18.91 -26.05
C LYS C 171 -12.59 20.17 -26.36
N GLN C 172 -13.22 21.35 -26.24
CA GLN C 172 -12.48 22.59 -26.37
C GLN C 172 -11.46 22.73 -25.25
N ALA C 173 -11.87 22.44 -24.00
CA ALA C 173 -10.96 22.56 -22.87
C ALA C 173 -9.80 21.58 -22.97
N MET C 174 -10.01 20.43 -23.61
CA MET C 174 -8.95 19.44 -23.76
C MET C 174 -7.89 19.87 -24.77
N LEU C 175 -8.12 20.95 -25.51
CA LEU C 175 -7.14 21.43 -26.48
C LEU C 175 -5.79 21.62 -25.81
N THR C 176 -4.79 20.91 -26.31
CA THR C 176 -3.43 20.95 -25.78
C THR C 176 -2.44 21.56 -26.74
N GLU C 177 -2.57 21.25 -28.04
CA GLU C 177 -1.57 21.62 -29.02
C GLU C 177 -2.19 21.54 -30.40
N ALA C 178 -1.80 22.45 -31.28
CA ALA C 178 -2.33 22.45 -32.64
C ALA C 178 -1.40 23.23 -33.55
N ASN C 179 -1.25 22.73 -34.77
CA ASN C 179 -0.58 23.45 -35.85
C ASN C 179 -1.18 22.98 -37.17
N GLY C 180 -0.53 23.35 -38.27
CA GLY C 180 -1.00 22.94 -39.58
C GLY C 180 -0.97 21.44 -39.82
N ASP C 181 -0.27 20.69 -38.97
CA ASP C 181 -0.11 19.25 -39.16
C ASP C 181 -1.11 18.41 -38.36
N TYR C 182 -1.42 18.81 -37.13
CA TYR C 182 -2.26 18.00 -36.28
C TYR C 182 -2.86 18.86 -35.18
N ILE C 183 -3.90 18.32 -34.55
CA ILE C 183 -4.50 18.90 -33.36
C ILE C 183 -4.52 17.81 -32.28
N ILE C 184 -4.04 18.15 -31.09
CA ILE C 184 -4.04 17.23 -29.95
C ILE C 184 -5.02 17.77 -28.92
N ARG C 185 -6.04 16.99 -28.63
CA ARG C 185 -6.92 17.21 -27.48
C ARG C 185 -6.63 16.10 -26.48
N ALA C 186 -6.20 16.47 -25.28
CA ALA C 186 -5.73 15.46 -24.36
C ALA C 186 -5.82 16.00 -22.94
N LYS C 187 -5.59 15.10 -21.99
CA LYS C 187 -5.54 15.44 -20.57
C LYS C 187 -4.43 14.63 -19.92
N THR C 188 -3.54 15.31 -19.20
CA THR C 188 -2.53 14.61 -18.43
C THR C 188 -3.11 14.15 -17.10
N GLY C 189 -2.43 13.20 -16.49
CA GLY C 189 -2.76 12.77 -15.15
C GLY C 189 -1.52 12.28 -14.45
N TYR C 190 -1.50 12.44 -13.12
CA TYR C 190 -0.41 11.92 -12.30
C TYR C 190 -1.04 11.30 -11.06
N SER C 191 -1.03 9.98 -10.99
CA SER C 191 -1.55 9.24 -9.84
C SER C 191 -0.40 9.00 -8.89
N THR C 192 -0.37 9.73 -7.77
CA THR C 192 0.72 9.66 -6.81
C THR C 192 0.32 9.13 -5.45
N ARG C 193 -0.98 9.02 -5.15
CA ARG C 193 -1.39 8.74 -3.77
C ARG C 193 -1.40 7.24 -3.48
N ILE C 194 -1.63 6.42 -4.48
CA ILE C 194 -1.72 4.97 -4.31
C ILE C 194 -0.78 4.32 -5.32
N GLU C 195 0.01 3.36 -4.87
CA GLU C 195 0.94 2.68 -5.75
C GLU C 195 0.20 1.81 -6.76
N PRO C 196 0.76 1.61 -7.97
CA PRO C 196 2.02 2.22 -8.42
C PRO C 196 1.82 3.64 -8.94
N LYS C 197 2.73 4.54 -8.59
CA LYS C 197 2.66 5.90 -9.10
C LYS C 197 2.82 5.88 -10.62
N ILE C 198 1.84 6.46 -11.33
CA ILE C 198 1.84 6.43 -12.78
C ILE C 198 1.46 7.81 -13.30
N GLY C 199 2.00 8.14 -14.48
CA GLY C 199 1.59 9.32 -15.22
C GLY C 199 0.71 8.88 -16.38
N TRP C 200 -0.33 9.68 -16.64
CA TRP C 200 -1.27 9.44 -17.72
C TRP C 200 -1.13 10.51 -18.79
N TRP C 201 -1.42 10.12 -20.03
CA TRP C 201 -1.79 11.08 -21.07
C TRP C 201 -2.79 10.39 -21.97
N VAL C 202 -4.01 10.93 -22.02
CA VAL C 202 -5.09 10.35 -22.81
C VAL C 202 -5.71 11.45 -23.66
N GLY C 203 -6.15 11.07 -24.85
CA GLY C 203 -6.79 12.01 -25.75
C GLY C 203 -6.79 11.47 -27.16
N TRP C 204 -6.67 12.38 -28.11
CA TRP C 204 -6.59 11.96 -29.50
C TRP C 204 -5.83 13.00 -30.31
N VAL C 205 -5.38 12.57 -31.49
CA VAL C 205 -4.70 13.42 -32.45
C VAL C 205 -5.61 13.56 -33.65
N GLU C 206 -6.09 14.77 -33.90
CA GLU C 206 -6.94 15.05 -35.06
C GLU C 206 -6.06 15.33 -36.26
N LEU C 207 -6.19 14.51 -37.29
CA LEU C 207 -5.56 14.75 -38.58
C LEU C 207 -6.60 15.29 -39.55
N ASP C 208 -6.16 15.60 -40.77
CA ASP C 208 -7.06 16.14 -41.77
C ASP C 208 -8.20 15.18 -42.09
N ASP C 209 -7.90 13.89 -42.23
CA ASP C 209 -8.90 12.91 -42.66
C ASP C 209 -9.01 11.71 -41.73
N ASN C 210 -8.47 11.80 -40.52
CA ASN C 210 -8.52 10.69 -39.57
C ASN C 210 -8.28 11.27 -38.18
N VAL C 211 -8.61 10.47 -37.17
CA VAL C 211 -8.29 10.82 -35.79
C VAL C 211 -7.70 9.59 -35.12
N TRP C 212 -6.58 9.77 -34.44
CA TRP C 212 -5.91 8.71 -33.70
C TRP C 212 -6.15 8.95 -32.22
N PHE C 213 -6.95 8.09 -31.60
CA PHE C 213 -7.11 8.14 -30.16
C PHE C 213 -5.91 7.51 -29.49
N PHE C 214 -5.49 8.07 -28.37
CA PHE C 214 -4.38 7.51 -27.63
C PHE C 214 -4.67 7.53 -26.14
N ALA C 215 -4.09 6.55 -25.44
CA ALA C 215 -4.12 6.51 -23.99
C ALA C 215 -2.84 5.85 -23.53
N MET C 216 -2.01 6.59 -22.82
CA MET C 216 -0.76 6.07 -22.31
C MET C 216 -0.71 6.26 -20.80
N ASN C 217 -0.08 5.31 -20.13
CA ASN C 217 0.34 5.50 -18.75
C ASN C 217 1.71 4.86 -18.60
N MET C 218 2.45 5.34 -17.60
CA MET C 218 3.82 4.90 -17.40
C MET C 218 4.16 5.09 -15.92
N ASP C 219 5.03 4.21 -15.43
CA ASP C 219 5.49 4.33 -14.05
C ASP C 219 6.16 5.68 -13.86
N MET C 220 5.80 6.36 -12.77
CA MET C 220 6.23 7.74 -12.53
C MET C 220 6.58 7.88 -11.05
N PRO C 221 7.78 7.46 -10.66
CA PRO C 221 8.14 7.53 -9.24
C PRO C 221 8.29 8.95 -8.72
N THR C 222 8.68 9.91 -9.56
CA THR C 222 8.76 11.31 -9.17
C THR C 222 8.18 12.18 -10.27
N SER C 223 7.87 13.42 -9.89
CA SER C 223 7.39 14.41 -10.86
C SER C 223 8.44 14.81 -11.87
N ASP C 224 9.71 14.42 -11.66
CA ASP C 224 10.78 14.85 -12.54
C ASP C 224 10.60 14.36 -13.97
N GLY C 225 9.98 13.19 -14.15
CA GLY C 225 9.85 12.62 -15.48
C GLY C 225 8.49 12.81 -16.12
N LEU C 226 7.70 13.76 -15.59
CA LEU C 226 6.34 13.93 -16.09
C LEU C 226 6.33 14.33 -17.57
N GLY C 227 7.37 15.05 -18.02
CA GLY C 227 7.45 15.41 -19.43
C GLY C 227 7.60 14.21 -20.36
N LEU C 228 8.03 13.07 -19.82
CA LEU C 228 8.16 11.87 -20.64
C LEU C 228 6.81 11.36 -21.13
N ARG C 229 5.71 11.71 -20.46
CA ARG C 229 4.39 11.32 -20.94
C ARG C 229 4.17 11.79 -22.36
N GLN C 230 4.36 13.10 -22.60
CA GLN C 230 4.18 13.63 -23.93
C GLN C 230 5.33 13.24 -24.86
N ALA C 231 6.55 13.18 -24.31
CA ALA C 231 7.72 12.89 -25.14
C ALA C 231 7.66 11.48 -25.71
N ILE C 232 7.38 10.49 -24.86
CA ILE C 232 7.33 9.11 -25.32
C ILE C 232 6.14 8.90 -26.26
N THR C 233 4.99 9.49 -25.92
CA THR C 233 3.82 9.38 -26.79
C THR C 233 4.13 9.94 -28.18
N LYS C 234 4.80 11.09 -28.25
CA LYS C 234 5.09 11.68 -29.55
C LYS C 234 6.09 10.86 -30.34
N GLU C 235 7.05 10.22 -29.67
CA GLU C 235 7.96 9.33 -30.36
C GLU C 235 7.21 8.16 -30.99
N VAL C 236 6.18 7.65 -30.30
CA VAL C 236 5.34 6.62 -30.89
C VAL C 236 4.56 7.19 -32.06
N LEU C 237 3.98 8.38 -31.89
CA LEU C 237 3.25 9.01 -32.98
C LEU C 237 4.13 9.25 -34.19
N LYS C 238 5.38 9.69 -33.96
CA LYS C 238 6.31 9.90 -35.07
C LYS C 238 6.67 8.57 -35.73
N GLN C 239 6.87 7.52 -34.93
CA GLN C 239 7.23 6.22 -35.51
C GLN C 239 6.11 5.70 -36.40
N GLU C 240 4.87 5.86 -35.99
CA GLU C 240 3.73 5.42 -36.79
C GLU C 240 3.35 6.42 -37.88
N LYS C 241 4.18 7.45 -38.10
CA LYS C 241 3.94 8.46 -39.13
C LYS C 241 2.60 9.18 -38.94
N ILE C 242 2.16 9.32 -37.69
CA ILE C 242 0.94 10.04 -37.40
C ILE C 242 1.21 11.54 -37.37
N ILE C 243 2.31 11.96 -36.76
CA ILE C 243 2.76 13.34 -36.79
C ILE C 243 4.16 13.37 -37.38
N PRO C 244 4.57 14.46 -38.03
CA PRO C 244 5.94 14.52 -38.57
C PRO C 244 7.00 14.67 -37.48
N TRP D 4 -13.25 -8.88 -29.34
CA TRP D 4 -14.17 -9.02 -28.22
C TRP D 4 -15.60 -8.63 -28.60
N GLN D 5 -16.56 -9.32 -28.00
CA GLN D 5 -17.97 -9.05 -28.23
C GLN D 5 -18.75 -9.38 -26.96
N GLU D 6 -19.72 -8.53 -26.64
CA GLU D 6 -20.55 -8.69 -25.46
C GLU D 6 -21.86 -9.39 -25.84
N ASN D 7 -22.18 -10.45 -25.10
CA ASN D 7 -23.45 -11.18 -25.25
C ASN D 7 -24.14 -11.16 -23.89
N LYS D 8 -25.05 -10.21 -23.70
CA LYS D 8 -25.77 -10.08 -22.43
C LYS D 8 -26.80 -11.18 -22.21
N SER D 9 -27.07 -12.02 -23.22
CA SER D 9 -28.01 -13.12 -23.00
C SER D 9 -27.48 -14.15 -22.02
N TRP D 10 -26.16 -14.24 -21.86
CA TRP D 10 -25.60 -15.17 -20.87
C TRP D 10 -25.97 -14.78 -19.45
N ASN D 11 -26.34 -13.52 -19.22
CA ASN D 11 -26.75 -13.11 -17.87
C ASN D 11 -27.92 -13.95 -17.37
N ALA D 12 -28.75 -14.45 -18.29
CA ALA D 12 -29.87 -15.30 -17.88
C ALA D 12 -29.40 -16.51 -17.08
N HIS D 13 -28.20 -17.02 -17.37
CA HIS D 13 -27.68 -18.16 -16.62
C HIS D 13 -27.24 -17.77 -15.22
N PHE D 14 -26.84 -16.52 -15.02
CA PHE D 14 -26.56 -16.04 -13.67
C PHE D 14 -27.85 -15.68 -12.95
N THR D 15 -28.75 -14.97 -13.62
CA THR D 15 -30.01 -14.56 -12.98
C THR D 15 -30.83 -15.75 -12.51
N GLU D 16 -30.85 -16.84 -13.31
CA GLU D 16 -31.67 -17.99 -12.94
C GLU D 16 -31.21 -18.61 -11.61
N HIS D 17 -29.92 -18.53 -11.28
CA HIS D 17 -29.42 -19.04 -10.02
C HIS D 17 -29.16 -17.94 -8.99
N LYS D 18 -29.79 -16.77 -9.17
CA LYS D 18 -29.70 -15.67 -8.21
C LYS D 18 -28.26 -15.30 -7.91
N SER D 19 -27.43 -15.26 -8.95
CA SER D 19 -26.01 -14.99 -8.81
C SER D 19 -25.58 -13.95 -9.82
N GLN D 20 -24.38 -13.40 -9.60
CA GLN D 20 -23.78 -12.42 -10.50
C GLN D 20 -22.35 -12.84 -10.78
N GLY D 21 -21.90 -12.57 -12.00
CA GLY D 21 -20.56 -12.94 -12.39
C GLY D 21 -20.33 -12.68 -13.87
N VAL D 22 -19.19 -13.18 -14.35
CA VAL D 22 -18.81 -13.02 -15.75
C VAL D 22 -18.30 -14.36 -16.26
N VAL D 23 -18.65 -14.66 -17.51
CA VAL D 23 -18.05 -15.76 -18.26
C VAL D 23 -17.36 -15.15 -19.47
N VAL D 24 -16.11 -15.55 -19.71
CA VAL D 24 -15.34 -15.07 -20.86
C VAL D 24 -14.97 -16.29 -21.69
N LEU D 25 -15.28 -16.23 -22.99
CA LEU D 25 -14.91 -17.28 -23.93
C LEU D 25 -13.95 -16.70 -24.97
N TRP D 26 -13.02 -17.53 -25.43
CA TRP D 26 -12.12 -17.16 -26.50
C TRP D 26 -12.09 -18.26 -27.55
N ASN D 27 -12.55 -17.93 -28.75
CA ASN D 27 -12.51 -18.84 -29.89
C ASN D 27 -11.12 -18.76 -30.51
N GLU D 28 -10.32 -19.80 -30.34
CA GLU D 28 -8.94 -19.76 -30.82
C GLU D 28 -8.88 -19.70 -32.33
N ASN D 29 -9.65 -20.54 -33.02
CA ASN D 29 -9.63 -20.53 -34.48
C ASN D 29 -10.04 -19.17 -35.03
N LYS D 30 -11.11 -18.58 -34.49
CA LYS D 30 -11.58 -17.30 -34.99
C LYS D 30 -10.80 -16.12 -34.43
N GLN D 31 -9.96 -16.35 -33.42
CA GLN D 31 -9.27 -15.27 -32.71
C GLN D 31 -10.27 -14.20 -32.28
N GLN D 32 -11.36 -14.65 -31.65
CA GLN D 32 -12.47 -13.79 -31.27
C GLN D 32 -12.94 -14.18 -29.87
N GLY D 33 -13.25 -13.18 -29.06
CA GLY D 33 -13.65 -13.40 -27.68
C GLY D 33 -15.07 -12.93 -27.44
N PHE D 34 -15.70 -13.54 -26.44
CA PHE D 34 -17.08 -13.25 -26.08
C PHE D 34 -17.21 -13.22 -24.57
N THR D 35 -18.10 -12.37 -24.07
CA THR D 35 -18.34 -12.29 -22.64
C THR D 35 -19.69 -11.60 -22.41
N ASN D 36 -20.26 -11.85 -21.23
CA ASN D 36 -21.52 -11.23 -20.84
C ASN D 36 -21.32 -9.91 -20.11
N ASN D 37 -20.08 -9.53 -19.82
CA ASN D 37 -19.80 -8.32 -19.03
C ASN D 37 -18.33 -7.98 -19.27
N LEU D 38 -18.08 -7.13 -20.26
CA LEU D 38 -16.70 -6.82 -20.65
C LEU D 38 -15.95 -6.09 -19.53
N LYS D 39 -16.65 -5.30 -18.73
CA LYS D 39 -15.99 -4.59 -17.64
C LYS D 39 -15.54 -5.56 -16.55
N ARG D 40 -16.45 -6.42 -16.09
CA ARG D 40 -16.05 -7.44 -15.12
C ARG D 40 -15.05 -8.41 -15.72
N ALA D 41 -15.14 -8.66 -17.03
CA ALA D 41 -14.15 -9.53 -17.69
C ALA D 41 -12.74 -9.00 -17.52
N ASN D 42 -12.58 -7.69 -17.38
CA ASN D 42 -11.27 -7.07 -17.20
C ASN D 42 -11.03 -6.63 -15.76
N GLN D 43 -11.91 -7.00 -14.83
CA GLN D 43 -11.72 -6.68 -13.43
C GLN D 43 -10.79 -7.70 -12.79
N ALA D 44 -9.74 -7.22 -12.14
CA ALA D 44 -8.72 -8.07 -11.54
C ALA D 44 -9.12 -8.47 -10.12
N PHE D 45 -9.09 -9.77 -9.85
CA PHE D 45 -9.39 -10.33 -8.55
C PHE D 45 -8.20 -11.16 -8.08
N LEU D 46 -8.23 -11.52 -6.80
CA LEU D 46 -7.32 -12.54 -6.31
C LEU D 46 -7.55 -13.82 -7.11
N PRO D 47 -6.50 -14.47 -7.62
CA PRO D 47 -6.72 -15.70 -8.41
C PRO D 47 -7.18 -16.87 -7.58
N ALA D 48 -7.04 -16.82 -6.25
CA ALA D 48 -7.29 -17.95 -5.38
C ALA D 48 -6.57 -19.19 -5.90
N SER D 49 -7.22 -20.35 -5.84
CA SER D 49 -6.55 -21.59 -6.24
C SER D 49 -6.36 -21.73 -7.74
N THR D 50 -6.84 -20.80 -8.57
CA THR D 50 -6.41 -20.83 -9.96
C THR D 50 -4.92 -20.53 -10.09
N PHE D 51 -4.31 -19.99 -9.04
CA PHE D 51 -2.88 -19.76 -9.05
C PHE D 51 -2.10 -21.07 -9.02
N KCX D 52 -2.78 -22.18 -8.74
CA KCX D 52 -2.10 -23.47 -8.72
CB KCX D 52 -3.04 -24.56 -8.21
CG KCX D 52 -3.31 -24.44 -6.72
CD KCX D 52 -4.01 -25.65 -6.13
CE KCX D 52 -4.08 -25.56 -4.60
NZ KCX D 52 -4.78 -24.33 -4.14
C KCX D 52 -1.57 -23.83 -10.11
O KCX D 52 -0.68 -24.67 -10.23
CX KCX D 52 -4.07 -23.27 -3.74
OQ1 KCX D 52 -4.67 -22.24 -3.36
OQ2 KCX D 52 -2.83 -23.30 -3.73
N ILE D 53 -2.08 -23.17 -11.15
CA ILE D 53 -1.56 -23.40 -12.49
C ILE D 53 -0.15 -22.80 -12.63
N PRO D 54 0.03 -21.48 -12.43
CA PRO D 54 1.41 -20.95 -12.48
C PRO D 54 2.28 -21.49 -11.38
N ASN D 55 1.73 -21.73 -10.18
CA ASN D 55 2.51 -22.30 -9.09
C ASN D 55 3.08 -23.65 -9.49
N SER D 56 2.25 -24.50 -10.10
CA SER D 56 2.72 -25.81 -10.57
C SER D 56 3.83 -25.65 -11.60
N LEU D 57 3.64 -24.76 -12.57
CA LEU D 57 4.63 -24.52 -13.62
C LEU D 57 5.97 -24.14 -13.02
N ILE D 58 5.96 -23.19 -12.09
CA ILE D 58 7.20 -22.73 -11.47
C ILE D 58 7.84 -23.84 -10.67
N ALA D 59 7.04 -24.55 -9.86
CA ALA D 59 7.58 -25.61 -9.02
C ALA D 59 8.19 -26.73 -9.86
N LEU D 60 7.56 -27.07 -10.99
CA LEU D 60 8.11 -28.11 -11.85
C LEU D 60 9.38 -27.62 -12.54
N ASP D 61 9.36 -26.40 -13.07
CA ASP D 61 10.52 -25.91 -13.81
C ASP D 61 11.73 -25.74 -12.91
N LEU D 62 11.52 -25.40 -11.65
CA LEU D 62 12.60 -25.23 -10.68
C LEU D 62 13.01 -26.53 -10.02
N GLY D 63 12.32 -27.63 -10.29
CA GLY D 63 12.62 -28.89 -9.63
C GLY D 63 12.11 -29.02 -8.22
N VAL D 64 11.34 -28.03 -7.73
CA VAL D 64 10.65 -28.20 -6.45
C VAL D 64 9.73 -29.41 -6.51
N VAL D 65 9.09 -29.62 -7.65
CA VAL D 65 8.32 -30.82 -7.93
C VAL D 65 9.05 -31.57 -9.05
N LYS D 66 9.39 -32.84 -8.79
CA LYS D 66 10.14 -33.62 -9.76
C LYS D 66 9.25 -34.00 -10.95
N ASP D 67 8.04 -34.47 -10.68
CA ASP D 67 7.09 -34.83 -11.73
C ASP D 67 5.71 -34.98 -11.09
N GLU D 68 4.74 -35.37 -11.91
CA GLU D 68 3.37 -35.49 -11.45
C GLU D 68 3.13 -36.71 -10.57
N HIS D 69 4.13 -37.58 -10.42
CA HIS D 69 4.01 -38.77 -9.58
C HIS D 69 4.56 -38.58 -8.18
N GLN D 70 5.43 -37.60 -7.98
CA GLN D 70 6.06 -37.40 -6.67
C GLN D 70 5.00 -37.20 -5.60
N VAL D 71 5.12 -37.96 -4.52
CA VAL D 71 4.14 -37.92 -3.44
C VAL D 71 4.58 -36.91 -2.39
N PHE D 72 3.68 -36.02 -2.03
CA PHE D 72 3.91 -35.06 -0.96
C PHE D 72 3.05 -35.51 0.23
N LYS D 73 3.72 -35.97 1.28
CA LYS D 73 3.04 -36.55 2.41
C LYS D 73 2.20 -35.51 3.14
N TRP D 74 1.02 -35.94 3.59
CA TRP D 74 0.23 -35.15 4.52
C TRP D 74 1.08 -34.77 5.73
N ASP D 75 1.00 -33.51 6.15
CA ASP D 75 1.81 -33.05 7.27
C ASP D 75 1.22 -33.44 8.62
N GLY D 76 0.17 -34.25 8.64
CA GLY D 76 -0.41 -34.70 9.89
C GLY D 76 -1.37 -33.74 10.55
N GLN D 77 -1.47 -32.50 10.06
CA GLN D 77 -2.43 -31.55 10.60
C GLN D 77 -3.79 -31.81 9.98
N THR D 78 -4.77 -32.18 10.81
CA THR D 78 -6.12 -32.45 10.33
C THR D 78 -6.81 -31.13 10.01
N ARG D 79 -7.08 -30.89 8.74
CA ARG D 79 -7.77 -29.68 8.31
C ARG D 79 -9.22 -30.00 7.98
N ASP D 80 -9.98 -28.96 7.64
CA ASP D 80 -11.44 -29.06 7.60
C ASP D 80 -12.00 -29.51 6.26
N ILE D 81 -11.15 -29.85 5.29
CA ILE D 81 -11.58 -30.51 4.06
C ILE D 81 -10.93 -31.87 4.03
N ALA D 82 -11.75 -32.93 4.03
CA ALA D 82 -11.23 -34.28 4.26
C ALA D 82 -10.21 -34.69 3.20
N THR D 83 -10.42 -34.25 1.94
CA THR D 83 -9.51 -34.64 0.88
C THR D 83 -8.09 -34.10 1.08
N TRP D 84 -7.94 -33.09 1.94
CA TRP D 84 -6.62 -32.52 2.20
C TRP D 84 -5.79 -33.36 3.17
N ASN D 85 -6.44 -34.18 3.97
CA ASN D 85 -5.76 -34.92 5.04
C ASN D 85 -5.24 -36.27 4.56
N ARG D 86 -4.46 -36.24 3.48
CA ARG D 86 -3.91 -37.45 2.89
C ARG D 86 -2.72 -37.07 2.03
N ASP D 87 -2.00 -38.09 1.58
CA ASP D 87 -0.89 -37.86 0.67
C ASP D 87 -1.42 -37.45 -0.70
N HIS D 88 -0.66 -36.60 -1.38
CA HIS D 88 -1.06 -36.10 -2.68
C HIS D 88 0.14 -36.07 -3.61
N ASN D 89 -0.15 -36.16 -4.91
CA ASN D 89 0.79 -35.80 -5.94
C ASN D 89 0.32 -34.50 -6.58
N LEU D 90 1.04 -34.03 -7.60
CA LEU D 90 0.66 -32.80 -8.27
C LEU D 90 -0.75 -32.91 -8.84
N ILE D 91 -1.09 -34.06 -9.42
CA ILE D 91 -2.40 -34.24 -10.04
C ILE D 91 -3.51 -34.08 -9.01
N THR D 92 -3.41 -34.81 -7.89
CA THR D 92 -4.50 -34.79 -6.92
C THR D 92 -4.50 -33.52 -6.09
N ALA D 93 -3.32 -32.95 -5.82
CA ALA D 93 -3.26 -31.68 -5.10
C ALA D 93 -3.96 -30.57 -5.88
N MET D 94 -3.75 -30.53 -7.20
CA MET D 94 -4.49 -29.58 -8.01
C MET D 94 -5.98 -29.92 -8.03
N LYS D 95 -6.31 -31.20 -8.21
CA LYS D 95 -7.71 -31.62 -8.35
C LYS D 95 -8.52 -31.24 -7.12
N TYR D 96 -7.97 -31.44 -5.93
CA TYR D 96 -8.67 -31.13 -4.68
C TYR D 96 -8.27 -29.79 -4.10
N SER D 97 -7.57 -28.95 -4.88
CA SER D 97 -7.13 -27.63 -4.45
C SER D 97 -6.49 -27.68 -3.06
N VAL D 98 -5.51 -28.57 -2.92
CA VAL D 98 -4.87 -28.79 -1.62
C VAL D 98 -3.90 -27.65 -1.34
N VAL D 99 -4.45 -26.56 -0.78
CA VAL D 99 -3.63 -25.38 -0.45
C VAL D 99 -2.36 -25.73 0.30
N PRO D 100 -2.37 -26.54 1.36
CA PRO D 100 -1.12 -26.75 2.13
C PRO D 100 0.01 -27.33 1.30
N VAL D 101 -0.29 -28.19 0.33
CA VAL D 101 0.75 -28.73 -0.54
C VAL D 101 1.36 -27.62 -1.38
N TYR D 102 0.52 -26.76 -1.96
CA TYR D 102 1.03 -25.68 -2.80
C TYR D 102 1.68 -24.58 -1.98
N GLN D 103 1.27 -24.42 -0.72
CA GLN D 103 1.97 -23.48 0.15
C GLN D 103 3.41 -23.92 0.39
N GLU D 104 3.63 -25.23 0.51
CA GLU D 104 4.99 -25.75 0.61
C GLU D 104 5.75 -25.54 -0.68
N PHE D 105 5.10 -25.72 -1.83
CA PHE D 105 5.74 -25.39 -3.11
C PHE D 105 6.23 -23.96 -3.11
N ALA D 106 5.34 -23.02 -2.76
CA ALA D 106 5.67 -21.60 -2.84
C ALA D 106 6.80 -21.24 -1.89
N ARG D 107 6.79 -21.80 -0.68
CA ARG D 107 7.88 -21.55 0.26
C ARG D 107 9.22 -22.01 -0.31
N GLN D 108 9.24 -23.18 -0.96
CA GLN D 108 10.48 -23.67 -1.55
C GLN D 108 10.86 -22.89 -2.79
N ILE D 109 9.88 -22.43 -3.57
CA ILE D 109 10.17 -21.54 -4.68
C ILE D 109 10.86 -20.27 -4.18
N GLY D 110 10.32 -19.69 -3.11
CA GLY D 110 10.85 -18.47 -2.57
C GLY D 110 10.33 -17.25 -3.30
N GLU D 111 10.36 -16.11 -2.58
CA GLU D 111 9.77 -14.88 -3.12
C GLU D 111 10.55 -14.38 -4.33
N ALA D 112 11.88 -14.52 -4.31
CA ALA D 112 12.68 -13.99 -5.41
C ALA D 112 12.34 -14.67 -6.73
N ARG D 113 12.32 -16.01 -6.73
CA ARG D 113 12.02 -16.72 -7.95
C ARG D 113 10.54 -16.67 -8.30
N MET D 114 9.67 -16.60 -7.29
CA MET D 114 8.24 -16.46 -7.57
C MET D 114 7.96 -15.14 -8.27
N SER D 115 8.58 -14.06 -7.81
CA SER D 115 8.36 -12.77 -8.42
C SER D 115 8.91 -12.72 -9.84
N LYS D 116 10.12 -13.26 -10.04
CA LYS D 116 10.72 -13.27 -11.38
C LYS D 116 9.86 -14.07 -12.36
N MET D 117 9.34 -15.21 -11.93
CA MET D 117 8.59 -16.08 -12.84
C MET D 117 7.26 -15.46 -13.22
N LEU D 118 6.58 -14.82 -12.26
CA LEU D 118 5.31 -14.18 -12.57
C LEU D 118 5.49 -13.01 -13.51
N HIS D 119 6.61 -12.28 -13.39
CA HIS D 119 6.91 -11.26 -14.38
C HIS D 119 7.19 -11.88 -15.74
N ALA D 120 7.90 -13.02 -15.75
CA ALA D 120 8.14 -13.70 -17.01
C ALA D 120 6.84 -14.22 -17.62
N PHE D 121 5.92 -14.67 -16.78
CA PHE D 121 4.62 -15.17 -17.24
C PHE D 121 3.67 -14.06 -17.65
N ASP D 122 3.99 -12.80 -17.39
CA ASP D 122 3.06 -11.69 -17.63
C ASP D 122 1.75 -11.91 -16.87
N TYR D 123 1.84 -12.51 -15.69
CA TYR D 123 0.68 -13.03 -14.96
C TYR D 123 0.07 -11.91 -14.13
N GLY D 124 -1.13 -11.45 -14.52
CA GLY D 124 -1.87 -10.49 -13.74
C GLY D 124 -1.06 -9.23 -13.47
N ASN D 125 -1.20 -8.70 -12.25
CA ASN D 125 -0.41 -7.54 -11.86
C ASN D 125 0.99 -7.93 -11.39
N GLU D 126 1.34 -9.22 -11.44
CA GLU D 126 2.69 -9.72 -11.18
C GLU D 126 3.18 -9.44 -9.77
N ASP D 127 2.26 -9.10 -8.87
CA ASP D 127 2.60 -8.66 -7.52
C ASP D 127 2.45 -9.82 -6.55
N ILE D 128 3.47 -10.04 -5.71
CA ILE D 128 3.39 -11.11 -4.73
C ILE D 128 3.46 -10.56 -3.30
N SER D 129 2.92 -9.35 -3.11
CA SER D 129 2.90 -8.75 -1.78
C SER D 129 2.21 -9.68 -0.79
N GLY D 130 2.71 -9.68 0.44
CA GLY D 130 2.25 -10.61 1.45
C GLY D 130 3.18 -11.79 1.58
N ASN D 131 2.65 -12.87 2.15
CA ASN D 131 3.42 -14.09 2.31
C ASN D 131 3.56 -14.80 0.98
N VAL D 132 4.77 -15.32 0.72
CA VAL D 132 4.99 -16.07 -0.52
C VAL D 132 4.15 -17.34 -0.56
N ASP D 133 3.70 -17.83 0.59
CA ASP D 133 2.91 -19.04 0.65
C ASP D 133 1.42 -18.77 0.85
N SER D 134 0.96 -17.55 0.56
CA SER D 134 -0.47 -17.28 0.67
C SER D 134 -0.90 -16.04 -0.12
N PHE D 135 0.02 -15.45 -0.90
CA PHE D 135 -0.29 -14.19 -1.54
C PHE D 135 -1.41 -14.32 -2.56
N TRP D 136 -1.61 -15.51 -3.12
CA TRP D 136 -2.72 -15.71 -4.05
C TRP D 136 -4.05 -15.86 -3.34
N LEU D 137 -4.06 -15.96 -2.02
CA LEU D 137 -5.29 -16.02 -1.25
C LEU D 137 -5.56 -14.76 -0.43
N ASP D 138 -4.52 -14.09 0.06
CA ASP D 138 -4.73 -12.86 0.82
C ASP D 138 -3.62 -11.82 0.61
N GLY D 139 -2.87 -11.92 -0.47
CA GLY D 139 -1.80 -10.97 -0.77
C GLY D 139 -2.20 -9.98 -1.83
N GLY D 140 -1.21 -9.52 -2.60
CA GLY D 140 -1.43 -8.44 -3.54
C GLY D 140 -1.67 -8.85 -4.98
N ILE D 141 -1.53 -10.13 -5.30
CA ILE D 141 -1.69 -10.56 -6.69
C ILE D 141 -3.13 -10.37 -7.12
N ARG D 142 -3.31 -9.85 -8.33
CA ARG D 142 -4.63 -9.63 -8.91
C ARG D 142 -4.57 -10.01 -10.38
N ILE D 143 -5.64 -10.62 -10.87
CA ILE D 143 -5.71 -11.06 -12.26
C ILE D 143 -7.16 -11.04 -12.70
N SER D 144 -7.37 -10.62 -13.95
CA SER D 144 -8.70 -10.56 -14.54
C SER D 144 -8.96 -11.80 -15.39
N ALA D 145 -10.23 -11.99 -15.73
CA ALA D 145 -10.60 -13.13 -16.56
C ALA D 145 -9.92 -13.10 -17.92
N THR D 146 -9.81 -11.90 -18.51
CA THR D 146 -9.11 -11.80 -19.80
C THR D 146 -7.62 -12.07 -19.63
N GLU D 147 -7.03 -11.64 -18.51
CA GLU D 147 -5.63 -11.97 -18.24
C GLU D 147 -5.46 -13.46 -17.98
N GLN D 148 -6.47 -14.10 -17.39
CA GLN D 148 -6.43 -15.55 -17.24
C GLN D 148 -6.42 -16.24 -18.60
N ILE D 149 -7.25 -15.76 -19.53
CA ILE D 149 -7.29 -16.36 -20.86
C ILE D 149 -5.96 -16.14 -21.58
N SER D 150 -5.42 -14.93 -21.51
CA SER D 150 -4.14 -14.65 -22.13
C SER D 150 -3.05 -15.54 -21.57
N PHE D 151 -3.06 -15.77 -20.25
CA PHE D 151 -2.09 -16.67 -19.64
C PHE D 151 -2.31 -18.12 -20.09
N LEU D 152 -3.56 -18.57 -20.06
CA LEU D 152 -3.86 -19.94 -20.48
C LEU D 152 -3.53 -20.17 -21.95
N ARG D 153 -3.77 -19.16 -22.80
CA ARG D 153 -3.43 -19.30 -24.21
C ARG D 153 -1.94 -19.55 -24.40
N LYS D 154 -1.10 -18.81 -23.68
CA LYS D 154 0.33 -19.05 -23.72
C LYS D 154 0.66 -20.46 -23.27
N LEU D 155 0.05 -20.90 -22.17
CA LEU D 155 0.26 -22.26 -21.68
C LEU D 155 -0.14 -23.30 -22.71
N TYR D 156 -1.29 -23.10 -23.35
CA TYR D 156 -1.76 -24.06 -24.36
C TYR D 156 -0.75 -24.20 -25.49
N HIS D 157 -0.12 -23.10 -25.90
CA HIS D 157 0.81 -23.10 -27.01
C HIS D 157 2.26 -23.31 -26.57
N ASN D 158 2.49 -23.65 -25.30
CA ASN D 158 3.83 -23.90 -24.77
C ASN D 158 4.73 -22.67 -24.90
N LYS D 159 4.14 -21.48 -24.85
CA LYS D 159 4.90 -20.25 -25.05
C LYS D 159 5.23 -19.53 -23.76
N LEU D 160 4.82 -20.07 -22.60
CA LEU D 160 5.27 -19.50 -21.35
C LEU D 160 6.77 -19.73 -21.18
N HIS D 161 7.40 -18.86 -20.38
CA HIS D 161 8.85 -18.89 -20.22
C HIS D 161 9.25 -19.95 -19.20
N VAL D 162 8.86 -21.19 -19.50
CA VAL D 162 9.28 -22.38 -18.77
C VAL D 162 9.45 -23.50 -19.79
N SER D 163 9.97 -24.63 -19.33
CA SER D 163 10.20 -25.76 -20.24
C SER D 163 8.89 -26.23 -20.84
N GLU D 164 8.97 -26.81 -22.05
CA GLU D 164 7.80 -27.44 -22.63
C GLU D 164 7.29 -28.56 -21.72
N ARG D 165 8.22 -29.31 -21.12
CA ARG D 165 7.85 -30.40 -20.23
C ARG D 165 6.98 -29.91 -19.07
N SER D 166 7.41 -28.84 -18.39
CA SER D 166 6.61 -28.29 -17.29
C SER D 166 5.20 -27.94 -17.77
N GLN D 167 5.09 -27.32 -18.94
CA GLN D 167 3.77 -26.92 -19.42
C GLN D 167 2.91 -28.12 -19.79
N ARG D 168 3.52 -29.17 -20.35
CA ARG D 168 2.75 -30.38 -20.66
C ARG D 168 2.27 -31.06 -19.39
N ILE D 169 3.11 -31.11 -18.36
CA ILE D 169 2.71 -31.75 -17.11
C ILE D 169 1.57 -30.99 -16.46
N VAL D 170 1.63 -29.65 -16.47
CA VAL D 170 0.58 -28.86 -15.84
C VAL D 170 -0.73 -28.98 -16.63
N LYS D 171 -0.65 -29.00 -17.96
CA LYS D 171 -1.85 -29.18 -18.76
C LYS D 171 -2.46 -30.55 -18.52
N GLN D 172 -1.62 -31.57 -18.32
CA GLN D 172 -2.15 -32.87 -17.91
C GLN D 172 -2.83 -32.77 -16.55
N ALA D 173 -2.21 -32.09 -15.59
CA ALA D 173 -2.78 -31.97 -14.25
C ALA D 173 -4.09 -31.17 -14.26
N MET D 174 -4.26 -30.26 -15.22
CA MET D 174 -5.50 -29.49 -15.31
C MET D 174 -6.68 -30.31 -15.82
N LEU D 175 -6.44 -31.53 -16.33
CA LEU D 175 -7.53 -32.34 -16.88
C LEU D 175 -8.65 -32.48 -15.86
N THR D 176 -9.84 -32.06 -16.26
CA THR D 176 -11.00 -32.11 -15.39
C THR D 176 -12.08 -33.05 -15.88
N GLU D 177 -12.34 -33.06 -17.19
CA GLU D 177 -13.42 -33.85 -17.74
C GLU D 177 -13.10 -34.13 -19.21
N ALA D 178 -13.49 -35.32 -19.68
CA ALA D 178 -13.20 -35.69 -21.06
C ALA D 178 -14.14 -36.82 -21.47
N ASN D 179 -14.68 -36.69 -22.67
CA ASN D 179 -15.44 -37.77 -23.32
C ASN D 179 -15.20 -37.65 -24.82
N GLY D 180 -16.02 -38.36 -25.60
CA GLY D 180 -15.88 -38.31 -27.04
C GLY D 180 -16.22 -36.97 -27.66
N ASP D 181 -16.87 -36.07 -26.92
CA ASP D 181 -17.28 -34.79 -27.45
C ASP D 181 -16.31 -33.66 -27.15
N TYR D 182 -15.65 -33.67 -25.99
CA TYR D 182 -14.80 -32.56 -25.61
C TYR D 182 -13.84 -32.99 -24.52
N ILE D 183 -12.80 -32.19 -24.34
CA ILE D 183 -11.89 -32.28 -23.21
C ILE D 183 -11.88 -30.94 -22.51
N ILE D 184 -12.00 -30.95 -21.19
CA ILE D 184 -11.91 -29.73 -20.38
C ILE D 184 -10.66 -29.84 -19.50
N ARG D 185 -9.75 -28.89 -19.69
CA ARG D 185 -8.63 -28.67 -18.78
C ARG D 185 -8.88 -27.36 -18.07
N ALA D 186 -8.95 -27.40 -16.74
CA ALA D 186 -9.44 -26.24 -16.02
C ALA D 186 -8.97 -26.29 -14.57
N LYS D 187 -9.21 -25.17 -13.88
CA LYS D 187 -8.86 -25.07 -12.46
C LYS D 187 -9.89 -24.18 -11.77
N THR D 188 -10.47 -24.69 -10.68
CA THR D 188 -11.39 -23.91 -9.88
C THR D 188 -10.63 -22.96 -8.95
N GLY D 189 -11.34 -21.95 -8.48
CA GLY D 189 -10.80 -21.05 -7.48
C GLY D 189 -11.90 -20.60 -6.55
N TYR D 190 -11.53 -20.40 -5.28
CA TYR D 190 -12.46 -19.92 -4.26
C TYR D 190 -11.70 -18.94 -3.38
N SER D 191 -11.98 -17.65 -3.57
CA SER D 191 -11.35 -16.58 -2.82
C SER D 191 -12.28 -16.17 -1.69
N THR D 192 -11.86 -16.40 -0.45
CA THR D 192 -12.68 -16.13 0.73
C THR D 192 -12.01 -15.22 1.75
N ARG D 193 -10.69 -15.06 1.69
CA ARG D 193 -9.98 -14.35 2.73
C ARG D 193 -10.10 -12.84 2.60
N ILE D 194 -10.31 -12.34 1.39
CA ILE D 194 -10.44 -10.91 1.13
C ILE D 194 -11.68 -10.69 0.26
N GLU D 195 -12.49 -9.70 0.63
CA GLU D 195 -13.67 -9.39 -0.13
C GLU D 195 -13.30 -8.79 -1.49
N PRO D 196 -14.12 -9.01 -2.53
CA PRO D 196 -15.36 -9.79 -2.49
C PRO D 196 -15.12 -11.29 -2.63
N LYS D 197 -15.86 -12.09 -1.87
CA LYS D 197 -15.78 -13.54 -2.00
C LYS D 197 -16.28 -13.97 -3.38
N ILE D 198 -15.42 -14.67 -4.13
CA ILE D 198 -15.75 -15.08 -5.48
C ILE D 198 -15.31 -16.52 -5.72
N GLY D 199 -15.95 -17.15 -6.70
CA GLY D 199 -15.52 -18.43 -7.24
C GLY D 199 -14.95 -18.21 -8.62
N TRP D 200 -13.90 -18.97 -8.94
CA TRP D 200 -13.27 -18.96 -10.26
C TRP D 200 -13.48 -20.30 -10.94
N TRP D 201 -13.50 -20.29 -12.27
CA TRP D 201 -13.25 -21.48 -13.08
C TRP D 201 -12.60 -21.02 -14.36
N VAL D 202 -11.34 -21.39 -14.57
CA VAL D 202 -10.60 -20.98 -15.76
C VAL D 202 -10.03 -22.22 -16.44
N GLY D 203 -9.96 -22.17 -17.76
CA GLY D 203 -9.39 -23.28 -18.51
C GLY D 203 -9.74 -23.19 -19.97
N TRP D 204 -9.88 -24.35 -20.60
CA TRP D 204 -10.29 -24.36 -22.00
C TRP D 204 -10.98 -25.68 -22.32
N VAL D 205 -11.78 -25.65 -23.39
CA VAL D 205 -12.46 -26.81 -23.93
C VAL D 205 -11.78 -27.16 -25.25
N GLU D 206 -11.20 -28.36 -25.31
CA GLU D 206 -10.59 -28.85 -26.54
C GLU D 206 -11.65 -29.61 -27.33
N LEU D 207 -11.91 -29.16 -28.56
CA LEU D 207 -12.75 -29.88 -29.50
C LEU D 207 -11.87 -30.56 -30.54
N ASP D 208 -12.52 -31.25 -31.48
CA ASP D 208 -11.77 -31.93 -32.54
C ASP D 208 -10.98 -30.93 -33.38
N ASP D 209 -11.58 -29.80 -33.73
CA ASP D 209 -10.97 -28.85 -34.67
C ASP D 209 -10.85 -27.44 -34.09
N ASN D 210 -11.01 -27.27 -32.78
CA ASN D 210 -10.95 -25.94 -32.19
C ASN D 210 -10.69 -26.07 -30.70
N VAL D 211 -10.29 -24.95 -30.10
CA VAL D 211 -10.13 -24.84 -28.66
C VAL D 211 -10.88 -23.60 -28.20
N TRP D 212 -11.67 -23.74 -27.15
CA TRP D 212 -12.42 -22.64 -26.56
C TRP D 212 -11.85 -22.37 -25.18
N PHE D 213 -11.09 -21.29 -25.05
CA PHE D 213 -10.60 -20.87 -23.75
C PHE D 213 -11.71 -20.19 -22.97
N PHE D 214 -11.76 -20.45 -21.67
CA PHE D 214 -12.77 -19.80 -20.85
C PHE D 214 -12.17 -19.36 -19.53
N ALA D 215 -12.71 -18.27 -19.01
CA ALA D 215 -12.40 -17.81 -17.66
C ALA D 215 -13.67 -17.21 -17.10
N MET D 216 -14.12 -17.74 -15.97
CA MET D 216 -15.31 -17.23 -15.31
C MET D 216 -14.98 -16.94 -13.85
N ASN D 217 -15.62 -15.90 -13.32
CA ASN D 217 -15.70 -15.72 -11.89
C ASN D 217 -17.10 -15.21 -11.55
N MET D 218 -17.50 -15.42 -10.31
CA MET D 218 -18.84 -15.08 -9.87
C MET D 218 -18.80 -14.80 -8.38
N ASP D 219 -19.71 -13.96 -7.91
CA ASP D 219 -19.81 -13.69 -6.49
C ASP D 219 -20.19 -14.98 -5.74
N MET D 220 -19.46 -15.26 -4.67
CA MET D 220 -19.63 -16.49 -3.91
C MET D 220 -19.73 -16.15 -2.42
N PRO D 221 -20.86 -15.60 -1.99
CA PRO D 221 -21.00 -15.23 -0.57
C PRO D 221 -21.01 -16.43 0.35
N THR D 222 -21.52 -17.58 -0.11
CA THR D 222 -21.53 -18.81 0.64
C THR D 222 -20.88 -19.91 -0.18
N SER D 223 -20.42 -20.96 0.50
CA SER D 223 -19.86 -22.11 -0.20
C SER D 223 -20.93 -22.96 -0.87
N ASP D 224 -22.20 -22.67 -0.64
CA ASP D 224 -23.28 -23.49 -1.19
C ASP D 224 -23.42 -23.35 -2.69
N GLY D 225 -22.94 -22.25 -3.28
CA GLY D 225 -23.04 -22.03 -4.71
C GLY D 225 -21.82 -22.43 -5.50
N LEU D 226 -20.88 -23.17 -4.91
CA LEU D 226 -19.61 -23.44 -5.59
C LEU D 226 -19.82 -24.26 -6.86
N GLY D 227 -20.80 -25.16 -6.87
CA GLY D 227 -21.09 -25.93 -8.06
C GLY D 227 -21.59 -25.11 -9.24
N LEU D 228 -22.02 -23.86 -8.98
CA LEU D 228 -22.48 -23.00 -10.07
C LEU D 228 -21.35 -22.53 -10.95
N ARG D 229 -20.10 -22.59 -10.47
CA ARG D 229 -18.96 -22.23 -11.30
C ARG D 229 -18.94 -23.08 -12.57
N GLN D 230 -19.02 -24.40 -12.41
CA GLN D 230 -19.06 -25.28 -13.57
C GLN D 230 -20.42 -25.26 -14.24
N ALA D 231 -21.49 -25.22 -13.45
CA ALA D 231 -22.84 -25.32 -14.01
C ALA D 231 -23.15 -24.14 -14.92
N ILE D 232 -22.87 -22.92 -14.46
CA ILE D 232 -23.15 -21.74 -15.27
C ILE D 232 -22.27 -21.71 -16.51
N THR D 233 -20.97 -22.00 -16.32
CA THR D 233 -20.06 -22.05 -17.47
C THR D 233 -20.54 -23.07 -18.51
N LYS D 234 -21.00 -24.23 -18.05
CA LYS D 234 -21.43 -25.26 -19.00
C LYS D 234 -22.70 -24.83 -19.72
N GLU D 235 -23.61 -24.13 -19.02
CA GLU D 235 -24.81 -23.63 -19.69
C GLU D 235 -24.44 -22.65 -20.80
N VAL D 236 -23.45 -21.79 -20.55
CA VAL D 236 -22.97 -20.90 -21.61
C VAL D 236 -22.36 -21.70 -22.74
N LEU D 237 -21.56 -22.73 -22.41
CA LEU D 237 -20.92 -23.55 -23.43
C LEU D 237 -21.95 -24.30 -24.26
N LYS D 238 -23.05 -24.72 -23.64
CA LYS D 238 -24.11 -25.42 -24.37
C LYS D 238 -24.90 -24.46 -25.24
N GLN D 239 -25.21 -23.28 -24.73
CA GLN D 239 -25.91 -22.28 -25.55
C GLN D 239 -25.09 -21.94 -26.79
N GLU D 240 -23.78 -21.82 -26.64
CA GLU D 240 -22.91 -21.50 -27.76
C GLU D 240 -22.54 -22.71 -28.60
N LYS D 241 -23.20 -23.86 -28.37
CA LYS D 241 -23.00 -25.09 -29.14
C LYS D 241 -21.56 -25.60 -29.05
N ILE D 242 -20.84 -25.25 -27.99
CA ILE D 242 -19.48 -25.76 -27.82
C ILE D 242 -19.50 -27.19 -27.31
N ILE D 243 -20.32 -27.48 -26.31
CA ILE D 243 -20.53 -28.84 -25.82
C ILE D 243 -22.01 -29.17 -25.99
N PRO D 244 -22.38 -30.44 -26.13
CA PRO D 244 -23.80 -30.78 -26.31
C PRO D 244 -24.59 -30.61 -25.01
C1 VAJ E . 16.68 -4.20 -2.80
C2 VAJ E . 17.10 -3.45 -1.71
C3 VAJ E . 18.29 -2.75 -1.74
C4 VAJ E . 19.11 -2.78 -2.87
C7 VAJ E . 20.38 -2.01 -2.91
C9 VAJ E . 22.59 -1.66 -3.82
C10 VAJ E . 22.76 -0.54 -3.01
C13 VAJ E . 21.90 1.07 -1.32
C VAJ E . 15.39 -4.93 -2.77
O VAJ E . 15.30 -5.93 -3.60
C11 VAJ E . 21.74 -0.15 -2.15
C12 VAJ E . 20.56 -0.89 -2.10
C5 VAJ E . 18.68 -3.54 -3.95
C6 VAJ E . 17.50 -4.24 -3.92
C8 VAJ E . 21.41 -2.39 -3.78
O1 VAJ E . 14.48 -4.60 -2.02
O2 VAJ E . 22.75 1.92 -1.57
O3 VAJ E . 21.09 1.17 -0.30
NA NA F . 21.65 -0.62 1.22
C1 EDO G . 31.52 1.25 -2.70
O1 EDO G . 32.49 1.45 -3.72
C2 EDO G . 30.12 1.19 -3.34
O2 EDO G . 29.15 0.89 -2.35
C1 EDO H . 18.57 -0.09 -5.93
O1 EDO H . 17.40 -0.74 -6.40
C2 EDO H . 19.27 0.60 -7.12
O2 EDO H . 20.49 1.18 -6.67
C1 PEG I . 22.49 -2.22 26.58
O1 PEG I . 22.32 -2.72 27.88
C2 PEG I . 23.05 -0.79 26.64
O2 PEG I . 24.43 -0.80 26.39
C3 PEG I . 25.17 -0.07 27.34
C4 PEG I . 26.67 -0.27 27.10
O4 PEG I . 27.40 0.23 28.19
C1 VAJ J . -16.78 1.39 16.70
C2 VAJ J . -15.80 2.01 17.49
C3 VAJ J . -16.05 2.27 18.82
C4 VAJ J . -17.28 1.95 19.41
C7 VAJ J . -17.55 2.26 20.84
C9 VAJ J . -19.07 2.90 22.60
C10 VAJ J . -18.04 2.81 23.53
C13 VAJ J . -15.65 2.36 24.11
C VAJ J . -16.51 1.11 15.26
O VAJ J . -17.57 1.07 14.50
C11 VAJ J . -16.76 2.46 23.12
C12 VAJ J . -16.52 2.19 21.78
C5 VAJ J . -18.24 1.35 18.61
C6 VAJ J . -18.00 1.07 17.28
C8 VAJ J . -18.82 2.62 21.27
O1 VAJ J . -15.38 0.94 14.84
O2 VAJ J . -14.46 2.50 23.61
O3 VAJ J . -15.87 2.18 25.31
C1 EDO K . 5.80 21.32 25.27
O1 EDO K . 5.98 22.68 25.63
C2 EDO K . 5.99 21.15 23.74
O2 EDO K . 5.70 19.82 23.36
C1 VAJ L . -2.18 15.73 -7.13
C2 VAJ L . -2.33 15.16 -8.40
C3 VAJ L . -1.82 15.79 -9.52
C4 VAJ L . -1.16 17.01 -9.43
C7 VAJ L . -0.62 17.67 -10.63
C9 VAJ L . 0.13 19.67 -11.78
C10 VAJ L . 0.40 18.93 -12.92
C13 VAJ L . 0.53 16.75 -14.13
C VAJ L . -2.72 15.05 -5.93
O VAJ L . -2.96 13.85 -5.92
C11 VAJ L . 0.18 17.56 -12.93
C12 VAJ L . -0.33 16.94 -11.79
C5 VAJ L . -1.02 17.58 -8.16
C6 VAJ L . -1.53 16.95 -7.04
C8 VAJ L . -0.37 19.05 -10.64
O1 VAJ L . -2.90 15.83 -4.90
O2 VAJ L . -0.13 15.63 -14.25
O3 VAJ L . 1.36 17.14 -14.93
CL CL M . -10.99 23.90 -30.17
NA NA N . -14.78 29.85 -25.34
C1 EDO O . -15.06 20.37 2.73
O1 EDO O . -15.57 19.09 2.39
C2 EDO O . -14.18 20.93 1.60
O2 EDO O . -13.85 22.28 1.88
C1 EDO P . 1.73 24.02 -18.58
O1 EDO P . 0.82 22.98 -18.24
C2 EDO P . 1.11 24.90 -19.69
O2 EDO P . 1.98 25.98 -19.97
C1 VAJ Q . -9.03 -21.90 1.02
C2 VAJ Q . -9.19 -21.80 -0.36
C3 VAJ Q . -9.84 -22.78 -1.07
C4 VAJ Q . -10.36 -23.91 -0.44
C7 VAJ Q . -11.04 -24.98 -1.20
C9 VAJ Q . -11.58 -27.32 -1.52
C10 VAJ Q . -12.32 -27.00 -2.65
C13 VAJ Q . -13.19 -25.33 -4.29
C VAJ Q . -8.32 -20.84 1.79
O VAJ Q . -8.25 -19.68 1.38
C11 VAJ Q . -12.42 -25.68 -3.08
C12 VAJ Q . -11.78 -24.68 -2.35
C5 VAJ Q . -10.20 -24.00 0.95
C6 VAJ Q . -9.56 -23.02 1.67
C8 VAJ Q . -10.95 -26.32 -0.80
O1 VAJ Q . -7.78 -21.24 2.91
O2 VAJ Q . -14.06 -26.08 -4.74
O3 VAJ Q . -12.86 -24.20 -4.85
NA NA R . -3.47 -29.17 -23.92
CL CL S . -4.14 -35.36 -20.68
C1 EDO T . 14.31 -20.19 -2.16
O1 EDO T . 13.63 -20.87 -1.12
C2 EDO T . 15.67 -20.88 -2.41
O2 EDO T . 16.37 -20.19 -3.44
#